data_1Z94
#
_entry.id   1Z94
#
_cell.length_a   105.095
_cell.length_b   170.247
_cell.length_c   128.126
_cell.angle_alpha   90.00
_cell.angle_beta   90.00
_cell.angle_gamma   90.00
#
_symmetry.space_group_name_H-M   'C 2 2 21'
#
loop_
_entity.id
_entity.type
_entity.pdbx_description
1 polymer 'conserved hypothetical protein'
2 water water
#
_entity_poly.entity_id   1
_entity_poly.type   'polypeptide(L)'
_entity_poly.pdbx_seq_one_letter_code
;(MSE)PNTIRLHRVLSAPPERVYRAFLDPLALAKWLPPEGFVCKVLEHDARVGGAYK(MSE)EFLAFASGQKHAFGGRYL
ELVPGERIRYTDRFDDAGLPGD(MSE)ITTITLAPLSCGADLSIVQEGIPDAIPPENCYLGWQQSLKQLAALVEPDMPG
;
_entity_poly.pdbx_strand_id   A,B,C,D,E,F
#
# COMPACT_ATOMS: atom_id res chain seq x y z
N PRO A 2 35.95 11.74 -29.48
CA PRO A 2 35.48 10.77 -28.45
C PRO A 2 34.63 11.50 -27.41
N ASN A 3 33.53 12.08 -27.87
CA ASN A 3 32.62 12.82 -27.00
C ASN A 3 31.15 12.52 -27.31
N THR A 4 30.90 11.57 -28.22
CA THR A 4 29.53 11.21 -28.55
C THR A 4 29.20 9.79 -28.12
N ILE A 5 28.03 9.64 -27.51
CA ILE A 5 27.56 8.35 -27.01
C ILE A 5 26.21 7.98 -27.66
N ARG A 6 26.01 6.68 -27.92
CA ARG A 6 24.77 6.21 -28.53
C ARG A 6 24.18 4.99 -27.82
N LEU A 7 22.88 5.05 -27.52
CA LEU A 7 22.20 3.96 -26.83
C LEU A 7 20.89 3.61 -27.54
N HIS A 8 20.54 2.33 -27.50
CA HIS A 8 19.32 1.84 -28.13
C HIS A 8 18.65 0.83 -27.22
N ARG A 9 17.34 0.95 -27.06
CA ARG A 9 16.58 0.04 -26.22
C ARG A 9 15.18 -0.17 -26.78
N VAL A 10 14.63 -1.34 -26.50
CA VAL A 10 13.28 -1.67 -26.90
C VAL A 10 12.54 -1.68 -25.58
N LEU A 11 11.48 -0.91 -25.52
CA LEU A 11 10.67 -0.80 -24.30
C LEU A 11 9.28 -1.34 -24.50
N SER A 12 8.73 -1.97 -23.46
CA SER A 12 7.39 -2.52 -23.52
C SER A 12 6.40 -1.46 -23.07
N ALA A 13 6.39 -0.34 -23.77
CA ALA A 13 5.47 0.75 -23.43
C ALA A 13 5.23 1.54 -24.70
N PRO A 14 4.06 2.19 -24.79
CA PRO A 14 3.83 2.97 -26.00
C PRO A 14 4.73 4.20 -26.01
N PRO A 15 5.12 4.67 -27.21
CA PRO A 15 5.98 5.83 -27.42
C PRO A 15 5.56 7.08 -26.64
N GLU A 16 4.25 7.34 -26.64
CA GLU A 16 3.73 8.52 -25.95
C GLU A 16 4.06 8.50 -24.45
N ARG A 17 3.98 7.32 -23.83
CA ARG A 17 4.27 7.21 -22.39
C ARG A 17 5.76 7.39 -22.12
N VAL A 18 6.61 6.90 -23.03
CA VAL A 18 8.05 7.04 -22.84
C VAL A 18 8.41 8.51 -23.01
N TYR A 19 7.76 9.17 -23.96
CA TYR A 19 7.99 10.58 -24.22
C TYR A 19 7.73 11.41 -22.96
N ARG A 20 6.58 11.16 -22.33
CA ARG A 20 6.19 11.89 -21.11
C ARG A 20 7.17 11.68 -19.97
N ALA A 21 7.76 10.49 -19.89
CA ALA A 21 8.70 10.17 -18.84
C ALA A 21 9.94 11.05 -18.93
N PHE A 22 10.27 11.47 -20.16
CA PHE A 22 11.43 12.32 -20.41
C PHE A 22 11.19 13.80 -20.10
N LEU A 23 9.95 14.18 -19.84
CA LEU A 23 9.61 15.57 -19.57
C LEU A 23 8.92 15.81 -18.23
N ASP A 24 8.22 14.80 -17.72
CA ASP A 24 7.50 14.92 -16.45
C ASP A 24 8.49 14.99 -15.28
N PRO A 25 8.52 16.14 -14.58
CA PRO A 25 9.45 16.27 -13.44
C PRO A 25 9.30 15.21 -12.36
N LEU A 26 8.09 14.69 -12.18
CA LEU A 26 7.85 13.67 -11.18
C LEU A 26 8.48 12.35 -11.67
N ALA A 27 8.47 12.15 -12.98
CA ALA A 27 9.07 10.94 -13.56
C ALA A 27 10.59 11.07 -13.57
N LEU A 28 11.08 12.21 -14.02
CA LEU A 28 12.52 12.44 -14.10
C LEU A 28 13.22 12.28 -12.76
N ALA A 29 12.67 12.86 -11.70
CA ALA A 29 13.29 12.75 -10.40
C ALA A 29 13.44 11.29 -9.97
N LYS A 30 12.55 10.42 -10.47
CA LYS A 30 12.62 9.01 -10.10
C LYS A 30 13.56 8.15 -10.95
N TRP A 31 13.53 8.33 -12.27
CA TRP A 31 14.37 7.49 -13.12
C TRP A 31 15.71 8.04 -13.63
N LEU A 32 15.81 9.35 -13.81
CA LEU A 32 17.05 9.93 -14.34
C LEU A 32 18.30 9.72 -13.49
N PRO A 33 18.26 10.12 -12.22
CA PRO A 33 19.47 9.92 -11.39
C PRO A 33 19.88 8.47 -11.26
N PRO A 34 21.14 8.15 -11.59
CA PRO A 34 21.57 6.75 -11.47
C PRO A 34 21.60 6.25 -10.02
N GLU A 35 21.95 4.98 -9.86
CA GLU A 35 21.99 4.36 -8.53
C GLU A 35 22.77 5.13 -7.47
N GLY A 36 22.14 5.31 -6.31
CA GLY A 36 22.80 6.02 -5.23
C GLY A 36 22.71 7.54 -5.35
N PHE A 37 21.91 8.03 -6.30
CA PHE A 37 21.73 9.46 -6.52
C PHE A 37 20.26 9.84 -6.43
N VAL A 38 20.01 11.06 -5.96
CA VAL A 38 18.64 11.58 -5.92
C VAL A 38 18.69 12.75 -6.91
N CYS A 39 17.54 13.31 -7.21
CA CYS A 39 17.46 14.42 -8.16
C CYS A 39 16.42 15.42 -7.74
N LYS A 40 16.79 16.70 -7.79
CA LYS A 40 15.85 17.77 -7.45
C LYS A 40 15.62 18.53 -8.75
N VAL A 41 14.38 18.73 -9.13
CA VAL A 41 14.11 19.46 -10.37
C VAL A 41 13.82 20.92 -10.04
N LEU A 42 14.68 21.82 -10.51
CA LEU A 42 14.52 23.25 -10.26
C LEU A 42 13.63 23.90 -11.31
N GLU A 43 13.89 23.62 -12.58
CA GLU A 43 13.11 24.18 -13.69
C GLU A 43 12.70 23.11 -14.68
N HIS A 44 11.49 23.22 -15.22
CA HIS A 44 11.00 22.23 -16.19
C HIS A 44 10.00 22.81 -17.19
N ASP A 45 10.42 23.88 -17.88
CA ASP A 45 9.59 24.53 -18.87
C ASP A 45 9.68 23.74 -20.17
N ALA A 46 8.82 22.73 -20.31
CA ALA A 46 8.85 21.88 -21.50
C ALA A 46 8.18 22.47 -22.73
N ARG A 47 8.84 23.46 -23.32
CA ARG A 47 8.38 24.14 -24.53
C ARG A 47 9.67 24.37 -25.32
N VAL A 48 9.56 24.46 -26.64
CA VAL A 48 10.74 24.69 -27.46
C VAL A 48 11.27 26.06 -27.12
N GLY A 49 12.53 26.12 -26.70
CA GLY A 49 13.13 27.38 -26.31
C GLY A 49 13.06 27.51 -24.79
N GLY A 50 12.36 26.56 -24.17
CA GLY A 50 12.20 26.56 -22.72
C GLY A 50 13.37 25.94 -21.96
N ALA A 51 13.55 26.36 -20.71
CA ALA A 51 14.66 25.83 -19.91
C ALA A 51 14.27 24.82 -18.85
N TYR A 52 15.20 23.91 -18.57
CA TYR A 52 15.03 22.91 -17.53
C TYR A 52 16.34 23.00 -16.73
N LYS A 53 16.26 22.66 -15.45
CA LYS A 53 17.44 22.70 -14.60
C LYS A 53 17.24 21.70 -13.47
N MSE A 54 18.24 20.87 -13.25
CA MSE A 54 18.18 19.84 -12.21
C MSE A 54 19.52 19.72 -11.51
O MSE A 54 20.53 20.28 -11.92
CB MSE A 54 17.83 18.47 -12.83
CG MSE A 54 16.55 18.42 -13.68
SE MSE A 54 16.29 16.75 -14.38
CE MSE A 54 17.01 17.01 -16.05
N GLU A 55 19.51 18.97 -10.40
CA GLU A 55 20.73 18.72 -9.66
C GLU A 55 20.73 17.30 -9.15
N PHE A 56 21.83 16.59 -9.38
CA PHE A 56 21.99 15.22 -8.90
C PHE A 56 22.80 15.30 -7.61
N LEU A 57 22.38 14.55 -6.60
CA LEU A 57 23.10 14.54 -5.33
C LEU A 57 23.43 13.12 -4.92
N ALA A 58 24.71 12.83 -4.67
CA ALA A 58 25.10 11.50 -4.23
C ALA A 58 24.49 11.40 -2.84
N PHE A 59 23.66 10.39 -2.61
CA PHE A 59 23.00 10.28 -1.31
C PHE A 59 23.92 10.07 -0.10
N ALA A 60 24.94 9.25 -0.26
CA ALA A 60 25.85 8.97 0.85
C ALA A 60 26.68 10.19 1.26
N SER A 61 27.41 10.77 0.30
CA SER A 61 28.26 11.93 0.57
C SER A 61 27.51 13.25 0.57
N GLY A 62 26.62 13.43 -0.41
CA GLY A 62 25.87 14.66 -0.49
C GLY A 62 26.46 15.59 -1.54
N GLN A 63 27.45 15.09 -2.28
CA GLN A 63 28.08 15.90 -3.31
C GLN A 63 27.02 16.29 -4.35
N LYS A 64 26.91 17.60 -4.59
CA LYS A 64 25.93 18.14 -5.53
C LYS A 64 26.50 18.30 -6.94
N HIS A 65 25.62 18.23 -7.94
CA HIS A 65 25.98 18.36 -9.35
C HIS A 65 24.79 18.96 -10.09
N ALA A 66 24.86 20.26 -10.36
CA ALA A 66 23.77 20.93 -11.06
C ALA A 66 24.03 21.00 -12.56
N PHE A 67 22.96 20.88 -13.34
CA PHE A 67 23.05 20.94 -14.80
C PHE A 67 21.73 21.44 -15.39
N GLY A 68 21.78 21.99 -16.59
CA GLY A 68 20.57 22.49 -17.21
C GLY A 68 20.76 22.74 -18.69
N GLY A 69 19.69 23.15 -19.36
CA GLY A 69 19.78 23.42 -20.77
C GLY A 69 18.43 23.86 -21.30
N ARG A 70 18.25 23.77 -22.61
CA ARG A 70 17.00 24.17 -23.21
C ARG A 70 16.52 23.14 -24.21
N TYR A 71 15.20 23.06 -24.38
CA TYR A 71 14.61 22.12 -25.32
C TYR A 71 14.63 22.73 -26.73
N LEU A 72 15.11 21.96 -27.69
CA LEU A 72 15.19 22.41 -29.08
C LEU A 72 14.12 21.76 -29.97
N GLU A 73 13.69 20.56 -29.60
CA GLU A 73 12.68 19.82 -30.36
C GLU A 73 11.78 19.03 -29.40
N LEU A 74 10.48 19.05 -29.68
CA LEU A 74 9.51 18.35 -28.85
C LEU A 74 8.35 17.83 -29.69
N VAL A 75 8.47 16.62 -30.21
CA VAL A 75 7.39 16.03 -31.00
C VAL A 75 6.85 14.85 -30.19
N PRO A 76 5.66 15.02 -29.59
CA PRO A 76 5.02 14.00 -28.76
C PRO A 76 5.12 12.59 -29.31
N GLY A 77 5.78 11.72 -28.54
CA GLY A 77 5.95 10.34 -28.91
C GLY A 77 6.93 10.06 -30.04
N GLU A 78 7.72 11.04 -30.44
CA GLU A 78 8.65 10.82 -31.54
C GLU A 78 10.04 11.38 -31.35
N ARG A 79 10.14 12.58 -30.78
CA ARG A 79 11.45 13.21 -30.66
C ARG A 79 11.56 14.30 -29.60
N ILE A 80 12.69 14.30 -28.92
CA ILE A 80 13.01 15.30 -27.92
C ILE A 80 14.49 15.58 -28.11
N ARG A 81 14.84 16.86 -28.16
CA ARG A 81 16.23 17.26 -28.29
C ARG A 81 16.42 18.42 -27.33
N TYR A 82 17.51 18.38 -26.57
CA TYR A 82 17.79 19.45 -25.62
C TYR A 82 19.28 19.61 -25.38
N THR A 83 19.67 20.78 -24.94
CA THR A 83 21.08 21.05 -24.65
C THR A 83 21.25 20.62 -23.20
N ASP A 84 22.50 20.46 -22.79
CA ASP A 84 22.81 20.05 -21.43
C ASP A 84 24.18 20.61 -21.04
N ARG A 85 24.24 21.31 -19.92
CA ARG A 85 25.49 21.91 -19.46
C ARG A 85 25.62 21.87 -17.94
N PHE A 86 26.80 21.48 -17.44
CA PHE A 86 27.06 21.43 -16.00
C PHE A 86 27.53 22.77 -15.47
N ASP A 87 27.18 23.09 -14.22
CA ASP A 87 27.62 24.34 -13.60
C ASP A 87 29.07 24.19 -13.10
N ASP A 88 29.92 23.62 -13.94
CA ASP A 88 31.32 23.42 -13.58
C ASP A 88 32.24 23.51 -14.80
N ALA A 89 33.16 24.47 -14.79
CA ALA A 89 34.08 24.65 -15.90
C ALA A 89 35.38 23.89 -15.66
N GLY A 93 31.57 23.23 -21.36
CA GLY A 93 31.19 22.66 -22.65
C GLY A 93 29.71 22.29 -22.67
N ASP A 94 29.06 22.54 -23.80
CA ASP A 94 27.63 22.24 -23.93
C ASP A 94 27.34 20.95 -24.72
N MSE A 95 26.42 20.15 -24.20
CA MSE A 95 26.04 18.90 -24.84
C MSE A 95 24.66 19.00 -25.46
O MSE A 95 23.83 19.79 -25.02
CB MSE A 95 26.02 17.73 -23.83
CG MSE A 95 27.31 17.49 -23.04
SE MSE A 95 27.45 18.49 -21.52
CE MSE A 95 26.73 17.30 -20.32
N ILE A 96 24.41 18.18 -26.48
CA ILE A 96 23.11 18.12 -27.12
C ILE A 96 22.73 16.65 -27.18
N THR A 97 21.57 16.33 -26.64
CA THR A 97 21.13 14.95 -26.66
C THR A 97 19.82 14.89 -27.43
N THR A 98 19.66 13.85 -28.24
CA THR A 98 18.41 13.71 -28.98
C THR A 98 17.85 12.31 -28.73
N ILE A 99 16.59 12.28 -28.30
CA ILE A 99 15.87 11.06 -28.03
C ILE A 99 14.89 10.87 -29.18
N THR A 100 14.90 9.69 -29.78
CA THR A 100 14.00 9.41 -30.89
C THR A 100 13.23 8.15 -30.53
N LEU A 101 11.93 8.20 -30.78
CA LEU A 101 11.05 7.09 -30.47
C LEU A 101 10.22 6.70 -31.68
N ALA A 102 9.95 5.41 -31.80
CA ALA A 102 9.13 4.90 -32.90
C ALA A 102 8.26 3.78 -32.33
N PRO A 103 7.05 3.63 -32.86
CA PRO A 103 6.18 2.57 -32.36
C PRO A 103 6.63 1.18 -32.79
N LEU A 104 6.30 0.19 -31.97
CA LEU A 104 6.61 -1.20 -32.26
C LEU A 104 5.42 -1.99 -31.77
N SER A 105 5.24 -3.20 -32.29
CA SER A 105 4.12 -4.02 -31.85
C SER A 105 4.24 -4.27 -30.35
N CYS A 106 5.46 -4.44 -29.85
CA CYS A 106 5.65 -4.69 -28.42
C CYS A 106 5.68 -3.41 -27.59
N GLY A 107 5.69 -2.26 -28.23
CA GLY A 107 5.72 -1.04 -27.45
C GLY A 107 6.46 0.09 -28.14
N ALA A 108 7.72 0.31 -27.77
CA ALA A 108 8.48 1.40 -28.39
C ALA A 108 9.96 1.15 -28.58
N ASP A 109 10.49 1.76 -29.63
CA ASP A 109 11.91 1.68 -29.94
C ASP A 109 12.51 3.01 -29.50
N LEU A 110 13.52 2.95 -28.64
CA LEU A 110 14.16 4.14 -28.10
C LEU A 110 15.62 4.28 -28.53
N SER A 111 15.95 5.43 -29.12
CA SER A 111 17.32 5.71 -29.54
C SER A 111 17.79 6.99 -28.88
N ILE A 112 18.99 6.95 -28.33
CA ILE A 112 19.55 8.13 -27.68
C ILE A 112 20.95 8.42 -28.23
N VAL A 113 21.19 9.69 -28.51
CA VAL A 113 22.50 10.12 -28.97
C VAL A 113 22.84 11.35 -28.13
N GLN A 114 24.00 11.31 -27.49
CA GLN A 114 24.46 12.42 -26.67
C GLN A 114 25.81 12.89 -27.23
N GLU A 115 25.81 14.09 -27.80
CA GLU A 115 27.00 14.68 -28.41
C GLU A 115 27.59 15.80 -27.56
N GLY A 116 28.87 16.10 -27.80
CA GLY A 116 29.55 17.17 -27.08
C GLY A 116 29.95 16.90 -25.64
N ILE A 117 29.99 15.63 -25.25
CA ILE A 117 30.35 15.30 -23.87
C ILE A 117 31.80 15.75 -23.62
N PRO A 118 32.03 16.58 -22.57
CA PRO A 118 33.38 17.07 -22.27
C PRO A 118 34.39 15.93 -22.14
N ASP A 119 35.57 16.14 -22.70
CA ASP A 119 36.64 15.14 -22.65
C ASP A 119 37.01 14.80 -21.21
N ALA A 120 36.69 15.71 -20.29
CA ALA A 120 36.99 15.50 -18.88
C ALA A 120 36.25 14.31 -18.30
N ILE A 121 35.06 14.05 -18.82
CA ILE A 121 34.27 12.92 -18.34
C ILE A 121 34.39 11.73 -19.30
N PRO A 122 34.98 10.63 -18.82
CA PRO A 122 35.15 9.42 -19.64
C PRO A 122 33.83 8.93 -20.20
N PRO A 123 33.76 8.68 -21.53
CA PRO A 123 32.53 8.21 -22.15
C PRO A 123 31.98 6.95 -21.48
N GLU A 124 32.88 6.03 -21.12
CA GLU A 124 32.51 4.77 -20.50
C GLU A 124 31.67 5.01 -19.24
N ASN A 125 31.98 6.08 -18.52
CA ASN A 125 31.23 6.40 -17.31
C ASN A 125 29.84 6.94 -17.67
N CYS A 126 29.71 7.49 -18.87
CA CYS A 126 28.41 7.99 -19.32
C CYS A 126 27.52 6.80 -19.70
N TYR A 127 28.11 5.77 -20.31
CA TYR A 127 27.38 4.58 -20.70
C TYR A 127 26.84 3.91 -19.44
N LEU A 128 27.72 3.76 -18.44
CA LEU A 128 27.35 3.14 -17.17
C LEU A 128 26.20 3.89 -16.51
N GLY A 129 26.30 5.22 -16.54
CA GLY A 129 25.26 6.04 -15.94
C GLY A 129 23.93 5.89 -16.68
N TRP A 130 24.00 5.89 -18.01
CA TRP A 130 22.79 5.75 -18.81
C TRP A 130 22.17 4.35 -18.67
N GLN A 131 23.01 3.32 -18.60
CA GLN A 131 22.50 1.96 -18.45
C GLN A 131 21.66 1.84 -17.18
N GLN A 132 22.13 2.45 -16.10
CA GLN A 132 21.40 2.43 -14.84
C GLN A 132 20.10 3.22 -14.99
N SER A 133 20.18 4.39 -15.62
CA SER A 133 18.99 5.23 -15.81
C SER A 133 17.93 4.58 -16.69
N LEU A 134 18.34 3.92 -17.76
CA LEU A 134 17.41 3.29 -18.67
C LEU A 134 16.70 2.09 -18.03
N LYS A 135 17.41 1.42 -17.13
CA LYS A 135 16.84 0.29 -16.40
C LYS A 135 15.72 0.85 -15.49
N GLN A 136 15.99 2.00 -14.87
CA GLN A 136 15.02 2.64 -13.99
C GLN A 136 13.85 3.18 -14.81
N LEU A 137 14.12 3.63 -16.04
CA LEU A 137 13.09 4.16 -16.92
C LEU A 137 12.08 3.07 -17.27
N ALA A 138 12.61 1.90 -17.64
CA ALA A 138 11.80 0.75 -18.03
C ALA A 138 10.88 0.29 -16.89
N ALA A 139 11.41 0.29 -15.67
CA ALA A 139 10.64 -0.12 -14.51
C ALA A 139 9.44 0.81 -14.28
N LEU A 140 9.60 2.08 -14.63
CA LEU A 140 8.53 3.05 -14.45
C LEU A 140 7.49 3.06 -15.57
N VAL A 141 7.95 2.98 -16.80
CA VAL A 141 7.06 3.07 -17.96
C VAL A 141 6.42 1.78 -18.48
N GLU A 142 7.05 0.64 -18.25
CA GLU A 142 6.50 -0.61 -18.74
C GLU A 142 5.22 -1.09 -18.04
N PRO A 143 5.08 -0.82 -16.72
CA PRO A 143 3.87 -1.26 -16.01
C PRO A 143 2.54 -0.73 -16.54
N ASP A 144 1.49 -1.53 -16.33
CA ASP A 144 0.11 -1.24 -16.72
C ASP A 144 -0.11 -0.57 -18.06
N MSE B 1 15.16 -4.06 -37.40
CA MSE B 1 15.19 -4.81 -38.69
C MSE B 1 16.32 -4.31 -39.60
O MSE B 1 16.90 -3.25 -39.36
CB MSE B 1 13.85 -4.67 -39.43
CG MSE B 1 12.64 -5.24 -38.69
SE MSE B 1 11.61 -3.97 -37.91
CE MSE B 1 10.50 -3.54 -39.35
N PRO B 2 16.64 -5.07 -40.67
CA PRO B 2 16.04 -6.34 -41.06
C PRO B 2 16.84 -7.57 -40.58
N ASN B 3 16.16 -8.50 -39.93
CA ASN B 3 16.76 -9.73 -39.41
C ASN B 3 18.07 -9.51 -38.66
N THR B 4 18.30 -8.31 -38.18
CA THR B 4 19.54 -8.05 -37.47
C THR B 4 19.36 -7.32 -36.15
N ILE B 5 20.27 -7.60 -35.22
CA ILE B 5 20.23 -7.00 -33.90
C ILE B 5 21.63 -6.55 -33.50
N ARG B 6 21.74 -5.38 -32.89
CA ARG B 6 23.03 -4.84 -32.44
C ARG B 6 22.93 -4.33 -31.00
N LEU B 7 23.81 -4.83 -30.15
CA LEU B 7 23.80 -4.48 -28.73
C LEU B 7 25.17 -4.01 -28.22
N HIS B 8 25.16 -2.96 -27.41
CA HIS B 8 26.39 -2.43 -26.83
C HIS B 8 26.22 -2.11 -25.36
N ARG B 9 27.16 -2.60 -24.56
CA ARG B 9 27.15 -2.41 -23.12
C ARG B 9 28.56 -2.23 -22.58
N VAL B 10 28.67 -1.49 -21.48
CA VAL B 10 29.93 -1.27 -20.80
C VAL B 10 29.81 -2.09 -19.50
N LEU B 11 30.73 -3.02 -19.29
CA LEU B 11 30.69 -3.87 -18.10
C LEU B 11 31.82 -3.58 -17.14
N SER B 12 31.50 -3.55 -15.85
CA SER B 12 32.49 -3.31 -14.82
C SER B 12 33.20 -4.62 -14.48
N ALA B 13 33.73 -5.26 -15.51
CA ALA B 13 34.45 -6.52 -15.36
C ALA B 13 35.48 -6.64 -16.47
N PRO B 14 36.60 -7.34 -16.20
CA PRO B 14 37.66 -7.53 -17.18
C PRO B 14 37.18 -8.30 -18.40
N PRO B 15 37.70 -7.96 -19.59
CA PRO B 15 37.31 -8.61 -20.84
C PRO B 15 37.42 -10.14 -20.77
N GLU B 16 38.46 -10.63 -20.12
CA GLU B 16 38.66 -12.07 -19.99
C GLU B 16 37.53 -12.75 -19.21
N ARG B 17 37.06 -12.11 -18.13
CA ARG B 17 35.98 -12.65 -17.32
C ARG B 17 34.67 -12.69 -18.13
N VAL B 18 34.38 -11.64 -18.89
CA VAL B 18 33.17 -11.61 -19.70
C VAL B 18 33.25 -12.71 -20.76
N TYR B 19 34.41 -12.78 -21.40
CA TYR B 19 34.67 -13.78 -22.42
C TYR B 19 34.33 -15.17 -21.86
N ARG B 20 34.84 -15.42 -20.67
CA ARG B 20 34.65 -16.68 -19.96
C ARG B 20 33.16 -16.98 -19.77
N ALA B 21 32.38 -15.95 -19.44
CA ALA B 21 30.94 -16.11 -19.23
C ALA B 21 30.18 -16.55 -20.47
N PHE B 22 30.73 -16.28 -21.64
CA PHE B 22 30.07 -16.65 -22.90
C PHE B 22 30.36 -18.09 -23.32
N LEU B 23 31.32 -18.74 -22.67
CA LEU B 23 31.69 -20.11 -23.04
C LEU B 23 31.53 -21.14 -21.92
N ASP B 24 31.48 -20.69 -20.67
CA ASP B 24 31.33 -21.59 -19.53
C ASP B 24 29.86 -22.01 -19.36
N PRO B 25 29.58 -23.31 -19.51
CA PRO B 25 28.22 -23.85 -19.38
C PRO B 25 27.48 -23.49 -18.09
N LEU B 26 28.21 -23.33 -16.99
CA LEU B 26 27.57 -23.00 -15.71
C LEU B 26 27.13 -21.55 -15.67
N ALA B 27 27.91 -20.68 -16.32
CA ALA B 27 27.58 -19.27 -16.38
C ALA B 27 26.38 -19.09 -17.31
N LEU B 28 26.52 -19.66 -18.51
CA LEU B 28 25.49 -19.59 -19.54
C LEU B 28 24.11 -20.03 -19.08
N ALA B 29 24.05 -21.14 -18.34
CA ALA B 29 22.78 -21.64 -17.86
C ALA B 29 22.12 -20.64 -16.92
N LYS B 30 22.93 -19.79 -16.30
CA LYS B 30 22.39 -18.80 -15.37
C LYS B 30 22.02 -17.45 -16.00
N TRP B 31 22.89 -16.91 -16.84
CA TRP B 31 22.60 -15.59 -17.41
C TRP B 31 21.95 -15.56 -18.78
N LEU B 32 22.21 -16.56 -19.61
CA LEU B 32 21.68 -16.57 -20.97
C LEU B 32 20.15 -16.59 -21.10
N PRO B 33 19.47 -17.56 -20.47
CA PRO B 33 18.01 -17.59 -20.59
C PRO B 33 17.35 -16.36 -19.98
N PRO B 34 16.44 -15.71 -20.72
CA PRO B 34 15.76 -14.52 -20.20
C PRO B 34 14.86 -14.84 -19.01
N GLU B 35 14.22 -13.81 -18.48
CA GLU B 35 13.34 -13.96 -17.32
C GLU B 35 12.21 -14.96 -17.56
N GLY B 36 12.01 -15.83 -16.58
CA GLY B 36 10.96 -16.82 -16.68
C GLY B 36 11.38 -18.04 -17.49
N PHE B 37 12.64 -18.08 -17.90
CA PHE B 37 13.17 -19.19 -18.67
C PHE B 37 14.34 -19.83 -17.95
N VAL B 38 14.53 -21.13 -18.16
CA VAL B 38 15.66 -21.83 -17.57
C VAL B 38 16.42 -22.41 -18.75
N CYS B 39 17.70 -22.69 -18.54
CA CYS B 39 18.53 -23.21 -19.61
C CYS B 39 19.20 -24.54 -19.29
N LYS B 40 19.24 -25.41 -20.29
CA LYS B 40 19.89 -26.71 -20.16
C LYS B 40 20.91 -26.82 -21.30
N VAL B 41 22.18 -27.01 -20.95
CA VAL B 41 23.21 -27.14 -21.95
C VAL B 41 23.39 -28.61 -22.34
N LEU B 42 23.09 -28.93 -23.60
CA LEU B 42 23.21 -30.31 -24.09
C LEU B 42 24.64 -30.63 -24.52
N GLU B 43 25.22 -29.77 -25.36
CA GLU B 43 26.58 -29.98 -25.84
C GLU B 43 27.34 -28.66 -25.77
N HIS B 44 28.63 -28.72 -25.43
CA HIS B 44 29.43 -27.50 -25.33
C HIS B 44 30.92 -27.66 -25.61
N ASP B 45 31.28 -27.79 -26.88
CA ASP B 45 32.68 -27.93 -27.28
C ASP B 45 33.24 -26.55 -27.63
N ALA B 46 33.80 -25.88 -26.63
CA ALA B 46 34.33 -24.53 -26.78
C ALA B 46 35.62 -24.39 -27.59
N ARG B 47 35.57 -24.76 -28.86
CA ARG B 47 36.74 -24.61 -29.72
C ARG B 47 36.31 -24.40 -31.16
N VAL B 48 37.16 -23.73 -31.94
CA VAL B 48 36.85 -23.46 -33.33
C VAL B 48 36.40 -24.73 -34.04
N GLY B 49 35.22 -24.68 -34.65
CA GLY B 49 34.70 -25.84 -35.34
C GLY B 49 33.83 -26.70 -34.45
N GLY B 50 33.97 -26.51 -33.13
CA GLY B 50 33.20 -27.28 -32.18
C GLY B 50 31.72 -26.92 -32.19
N ALA B 51 30.87 -27.92 -31.95
CA ALA B 51 29.44 -27.70 -31.93
C ALA B 51 28.91 -27.52 -30.50
N TYR B 52 27.69 -27.00 -30.40
CA TYR B 52 27.06 -26.78 -29.12
C TYR B 52 25.55 -26.79 -29.29
N LYS B 53 24.85 -27.21 -28.25
CA LYS B 53 23.40 -27.23 -28.28
C LYS B 53 22.85 -26.94 -26.90
N MSE B 54 21.73 -26.24 -26.87
CA MSE B 54 21.09 -25.88 -25.62
C MSE B 54 19.59 -25.83 -25.87
O MSE B 54 19.12 -25.89 -27.01
CB MSE B 54 21.55 -24.49 -25.14
CG MSE B 54 23.01 -24.36 -24.68
SE MSE B 54 23.51 -22.62 -24.29
CE MSE B 54 25.22 -22.67 -24.88
N GLU B 55 18.84 -25.75 -24.79
CA GLU B 55 17.40 -25.65 -24.89
C GLU B 55 16.94 -24.67 -23.85
N PHE B 56 15.96 -23.86 -24.22
CA PHE B 56 15.38 -22.89 -23.31
C PHE B 56 14.02 -23.45 -22.95
N LEU B 57 13.63 -23.30 -21.70
CA LEU B 57 12.34 -23.78 -21.27
C LEU B 57 11.60 -22.69 -20.51
N ALA B 58 10.38 -22.39 -20.95
CA ALA B 58 9.58 -21.39 -20.25
C ALA B 58 9.21 -22.12 -18.95
N PHE B 59 9.61 -21.57 -17.81
CA PHE B 59 9.34 -22.24 -16.54
C PHE B 59 7.86 -22.41 -16.22
N ALA B 60 7.03 -21.44 -16.58
CA ALA B 60 5.61 -21.53 -16.28
C ALA B 60 4.84 -22.56 -17.13
N SER B 61 5.13 -22.61 -18.42
CA SER B 61 4.41 -23.52 -19.32
C SER B 61 5.14 -24.80 -19.66
N GLY B 62 6.47 -24.80 -19.52
CA GLY B 62 7.24 -25.98 -19.84
C GLY B 62 7.65 -25.98 -21.30
N GLN B 63 7.06 -25.10 -22.10
CA GLN B 63 7.36 -25.01 -23.53
C GLN B 63 8.88 -24.94 -23.76
N LYS B 64 9.36 -25.82 -24.63
CA LYS B 64 10.79 -25.92 -24.92
C LYS B 64 11.18 -25.34 -26.29
N HIS B 65 12.43 -24.90 -26.38
CA HIS B 65 12.99 -24.35 -27.60
C HIS B 65 14.46 -24.71 -27.63
N ALA B 66 14.87 -25.53 -28.58
CA ALA B 66 16.26 -25.93 -28.67
C ALA B 66 16.94 -25.31 -29.88
N PHE B 67 18.19 -24.90 -29.70
CA PHE B 67 18.98 -24.30 -30.78
C PHE B 67 20.41 -24.77 -30.66
N GLY B 68 21.16 -24.62 -31.74
CA GLY B 68 22.55 -25.04 -31.72
C GLY B 68 23.35 -24.53 -32.90
N GLY B 69 24.65 -24.79 -32.88
CA GLY B 69 25.51 -24.35 -33.97
C GLY B 69 26.95 -24.71 -33.73
N ARG B 70 27.84 -23.97 -34.38
CA ARG B 70 29.27 -24.24 -34.23
C ARG B 70 30.00 -22.92 -34.04
N TYR B 71 31.15 -22.97 -33.37
CA TYR B 71 31.94 -21.78 -33.16
C TYR B 71 32.77 -21.52 -34.42
N LEU B 72 32.85 -20.26 -34.84
CA LEU B 72 33.62 -19.90 -36.02
C LEU B 72 34.97 -19.30 -35.65
N GLU B 73 35.04 -18.68 -34.48
CA GLU B 73 36.29 -18.07 -34.02
C GLU B 73 36.27 -17.79 -32.52
N LEU B 74 37.42 -17.97 -31.88
CA LEU B 74 37.53 -17.75 -30.44
C LEU B 74 38.88 -17.14 -30.04
N VAL B 75 38.85 -15.85 -29.71
CA VAL B 75 40.06 -15.16 -29.29
C VAL B 75 39.83 -14.67 -27.86
N PRO B 76 40.50 -15.31 -26.89
CA PRO B 76 40.39 -14.99 -25.46
C PRO B 76 40.26 -13.50 -25.12
N GLY B 77 39.15 -13.17 -24.48
CA GLY B 77 38.90 -11.79 -24.09
C GLY B 77 38.80 -10.78 -25.21
N GLU B 78 38.60 -11.26 -26.43
CA GLU B 78 38.49 -10.34 -27.56
C GLU B 78 37.27 -10.58 -28.44
N ARG B 79 37.04 -11.81 -28.87
CA ARG B 79 35.87 -12.07 -29.69
C ARG B 79 35.42 -13.52 -29.80
N ILE B 80 34.13 -13.67 -30.10
CA ILE B 80 33.51 -14.98 -30.25
C ILE B 80 32.48 -14.92 -31.37
N ARG B 81 32.54 -15.87 -32.29
CA ARG B 81 31.55 -15.90 -33.36
C ARG B 81 31.04 -17.32 -33.49
N TYR B 82 29.72 -17.45 -33.64
CA TYR B 82 29.13 -18.77 -33.76
C TYR B 82 27.84 -18.76 -34.58
N THR B 83 27.53 -19.91 -35.14
CA THR B 83 26.32 -20.05 -35.92
C THR B 83 25.24 -20.40 -34.90
N ASP B 84 24.01 -20.02 -35.19
CA ASP B 84 22.91 -20.28 -34.27
C ASP B 84 21.64 -20.53 -35.06
N ARG B 85 21.12 -21.75 -34.96
CA ARG B 85 19.88 -22.11 -35.63
C ARG B 85 18.94 -22.88 -34.71
N PHE B 86 17.64 -22.68 -34.91
CA PHE B 86 16.60 -23.34 -34.12
C PHE B 86 16.22 -24.68 -34.72
N ASP B 87 15.72 -25.59 -33.90
CA ASP B 87 15.30 -26.90 -34.38
C ASP B 87 13.90 -26.78 -34.94
N ASP B 88 13.13 -25.83 -34.41
CA ASP B 88 11.77 -25.60 -34.86
C ASP B 88 11.77 -25.27 -36.36
N ALA B 89 11.08 -26.08 -37.14
CA ALA B 89 11.01 -25.89 -38.58
C ALA B 89 10.26 -24.59 -38.94
N GLY B 90 9.49 -24.09 -37.99
CA GLY B 90 8.75 -22.86 -38.22
C GLY B 90 9.67 -21.67 -38.08
N LEU B 91 10.91 -21.91 -37.68
CA LEU B 91 11.89 -20.84 -37.52
C LEU B 91 13.16 -21.12 -38.32
N PRO B 92 13.01 -21.29 -39.66
CA PRO B 92 14.18 -21.56 -40.50
C PRO B 92 15.06 -20.34 -40.66
N GLY B 93 16.37 -20.57 -40.79
CA GLY B 93 17.29 -19.47 -40.94
C GLY B 93 18.48 -19.62 -40.01
N ASP B 94 19.67 -19.58 -40.60
CA ASP B 94 20.90 -19.70 -39.84
C ASP B 94 21.31 -18.32 -39.35
N MSE B 95 21.56 -18.20 -38.05
CA MSE B 95 21.97 -16.92 -37.46
C MSE B 95 23.48 -16.92 -37.22
O MSE B 95 24.10 -17.96 -36.98
CB MSE B 95 21.28 -16.65 -36.12
CG MSE B 95 19.78 -16.32 -36.15
SE MSE B 95 19.13 -15.98 -34.47
CE MSE B 95 18.92 -17.74 -33.93
N ILE B 96 24.07 -15.74 -37.31
CA ILE B 96 25.49 -15.60 -37.05
C ILE B 96 25.60 -14.48 -36.05
N THR B 97 26.22 -14.76 -34.90
CA THR B 97 26.35 -13.73 -33.90
C THR B 97 27.82 -13.56 -33.59
N THR B 98 28.26 -12.32 -33.48
CA THR B 98 29.65 -12.08 -33.17
C THR B 98 29.77 -11.16 -31.97
N ILE B 99 30.50 -11.63 -30.97
CA ILE B 99 30.71 -10.89 -29.74
C ILE B 99 32.10 -10.28 -29.77
N THR B 100 32.19 -8.99 -29.47
CA THR B 100 33.49 -8.34 -29.46
C THR B 100 33.70 -7.66 -28.12
N LEU B 101 34.88 -7.88 -27.54
CA LEU B 101 35.22 -7.30 -26.24
C LEU B 101 36.50 -6.46 -26.33
N ALA B 102 36.58 -5.42 -25.51
CA ALA B 102 37.75 -4.56 -25.46
C ALA B 102 37.90 -4.00 -24.07
N PRO B 103 39.15 -3.81 -23.62
CA PRO B 103 39.42 -3.27 -22.28
C PRO B 103 39.04 -1.82 -22.08
N LEU B 104 38.70 -1.47 -20.86
CA LEU B 104 38.35 -0.11 -20.47
C LEU B 104 38.87 0.03 -19.06
N SER B 105 38.94 1.27 -18.56
CA SER B 105 39.44 1.50 -17.20
C SER B 105 38.47 0.97 -16.16
N CYS B 106 37.18 0.97 -16.50
CA CYS B 106 36.16 0.49 -15.57
C CYS B 106 35.94 -1.01 -15.71
N GLY B 107 36.40 -1.56 -16.82
CA GLY B 107 36.22 -2.99 -17.05
C GLY B 107 36.30 -3.39 -18.51
N ALA B 108 35.15 -3.47 -19.18
CA ALA B 108 35.16 -3.88 -20.58
C ALA B 108 34.03 -3.33 -21.43
N ASP B 109 34.32 -3.20 -22.73
CA ASP B 109 33.35 -2.73 -23.69
C ASP B 109 32.85 -3.97 -24.41
N LEU B 110 31.54 -4.10 -24.53
CA LEU B 110 30.94 -5.27 -25.18
C LEU B 110 30.01 -4.89 -26.31
N SER B 111 30.24 -5.48 -27.48
CA SER B 111 29.39 -5.24 -28.63
C SER B 111 28.89 -6.58 -29.14
N ILE B 112 27.61 -6.65 -29.44
CA ILE B 112 27.03 -7.89 -29.95
C ILE B 112 26.22 -7.61 -31.20
N VAL B 113 26.41 -8.44 -32.22
CA VAL B 113 25.67 -8.30 -33.45
C VAL B 113 25.15 -9.67 -33.85
N GLN B 114 23.83 -9.77 -34.03
CA GLN B 114 23.19 -11.02 -34.39
C GLN B 114 22.55 -10.84 -35.76
N GLU B 115 23.06 -11.57 -36.74
CA GLU B 115 22.59 -11.51 -38.12
C GLU B 115 21.88 -12.79 -38.51
N GLY B 116 20.96 -12.68 -39.47
CA GLY B 116 20.24 -13.85 -39.93
C GLY B 116 19.08 -14.34 -39.09
N ILE B 117 18.53 -13.47 -38.24
CA ILE B 117 17.40 -13.86 -37.39
C ILE B 117 16.25 -14.31 -38.28
N PRO B 118 15.63 -15.46 -37.97
CA PRO B 118 14.52 -15.96 -38.78
C PRO B 118 13.45 -14.88 -38.99
N ASP B 119 12.83 -14.90 -40.17
CA ASP B 119 11.80 -13.91 -40.50
C ASP B 119 10.59 -14.01 -39.59
N ALA B 120 10.41 -15.19 -38.98
CA ALA B 120 9.27 -15.43 -38.09
C ALA B 120 9.52 -14.86 -36.70
N ILE B 121 10.74 -14.38 -36.45
CA ILE B 121 11.09 -13.83 -35.15
C ILE B 121 11.27 -12.31 -35.25
N PRO B 122 10.32 -11.54 -34.72
CA PRO B 122 10.44 -10.07 -34.77
C PRO B 122 11.74 -9.66 -34.07
N PRO B 123 12.59 -8.88 -34.75
CA PRO B 123 13.84 -8.45 -34.12
C PRO B 123 13.64 -7.76 -32.76
N GLU B 124 12.53 -7.07 -32.59
CA GLU B 124 12.28 -6.39 -31.32
C GLU B 124 12.20 -7.39 -30.17
N ASN B 125 11.68 -8.59 -30.45
CA ASN B 125 11.57 -9.62 -29.43
C ASN B 125 12.96 -10.06 -28.99
N CYS B 126 13.91 -10.07 -29.92
CA CYS B 126 15.26 -10.48 -29.60
C CYS B 126 15.92 -9.42 -28.72
N TYR B 127 15.62 -8.16 -28.99
CA TYR B 127 16.17 -7.08 -28.17
C TYR B 127 15.65 -7.22 -26.74
N LEU B 128 14.34 -7.45 -26.59
CA LEU B 128 13.76 -7.60 -25.26
C LEU B 128 14.43 -8.77 -24.52
N GLY B 129 14.65 -9.87 -25.23
CA GLY B 129 15.31 -11.01 -24.62
C GLY B 129 16.76 -10.73 -24.24
N TRP B 130 17.53 -10.20 -25.18
CA TRP B 130 18.94 -9.92 -24.89
C TRP B 130 19.10 -8.88 -23.79
N GLN B 131 18.19 -7.90 -23.73
CA GLN B 131 18.28 -6.89 -22.69
C GLN B 131 18.18 -7.56 -21.32
N GLN B 132 17.33 -8.57 -21.20
CA GLN B 132 17.21 -9.26 -19.92
C GLN B 132 18.46 -10.12 -19.66
N SER B 133 18.92 -10.81 -20.70
CA SER B 133 20.10 -11.65 -20.56
C SER B 133 21.34 -10.82 -20.21
N LEU B 134 21.44 -9.64 -20.83
CA LEU B 134 22.58 -8.76 -20.59
C LEU B 134 22.59 -8.23 -19.16
N LYS B 135 21.41 -8.01 -18.59
CA LYS B 135 21.32 -7.54 -17.21
C LYS B 135 21.81 -8.67 -16.30
N GLN B 136 21.37 -9.89 -16.59
CA GLN B 136 21.78 -11.03 -15.80
C GLN B 136 23.29 -11.25 -15.94
N LEU B 137 23.82 -11.05 -17.15
CA LEU B 137 25.27 -11.22 -17.37
C LEU B 137 26.07 -10.26 -16.48
N ALA B 138 25.63 -9.01 -16.43
CA ALA B 138 26.28 -7.99 -15.62
C ALA B 138 26.29 -8.41 -14.16
N ALA B 139 25.14 -8.87 -13.68
CA ALA B 139 25.03 -9.31 -12.29
C ALA B 139 26.01 -10.43 -11.96
N LEU B 140 26.30 -11.28 -12.94
CA LEU B 140 27.21 -12.40 -12.74
C LEU B 140 28.69 -12.06 -12.87
N VAL B 141 29.02 -11.30 -13.91
CA VAL B 141 30.42 -10.96 -14.19
C VAL B 141 31.01 -9.77 -13.45
N GLU B 142 30.19 -8.80 -13.04
CA GLU B 142 30.71 -7.61 -12.39
C GLU B 142 31.17 -7.67 -10.93
N PRO B 143 30.53 -8.51 -10.09
CA PRO B 143 30.97 -8.55 -8.70
C PRO B 143 32.40 -9.00 -8.41
N ASP B 144 32.94 -8.48 -7.31
CA ASP B 144 34.28 -8.77 -6.80
C ASP B 144 35.36 -8.91 -7.88
N PRO C 2 24.09 -22.21 17.91
CA PRO C 2 23.54 -22.06 16.54
C PRO C 2 22.46 -20.99 16.48
N ASN C 3 22.11 -20.58 15.26
CA ASN C 3 21.09 -19.56 15.09
C ASN C 3 20.02 -19.95 14.07
N THR C 4 18.82 -19.40 14.26
CA THR C 4 17.72 -19.67 13.35
C THR C 4 17.38 -18.36 12.68
N ILE C 5 17.07 -18.44 11.39
CA ILE C 5 16.74 -17.28 10.59
C ILE C 5 15.42 -17.55 9.86
N ARG C 6 14.69 -16.49 9.53
CA ARG C 6 13.43 -16.66 8.81
C ARG C 6 13.18 -15.50 7.85
N LEU C 7 12.63 -15.83 6.69
CA LEU C 7 12.32 -14.83 5.68
C LEU C 7 10.89 -15.01 5.22
N HIS C 8 10.34 -13.94 4.66
CA HIS C 8 8.98 -13.98 4.16
C HIS C 8 8.86 -13.14 2.89
N ARG C 9 8.20 -13.69 1.88
CA ARG C 9 7.99 -12.97 0.63
C ARG C 9 6.63 -13.33 0.04
N VAL C 10 5.98 -12.35 -0.58
CA VAL C 10 4.71 -12.62 -1.26
C VAL C 10 5.17 -12.63 -2.71
N LEU C 11 4.76 -13.65 -3.45
CA LEU C 11 5.15 -13.79 -4.84
C LEU C 11 3.96 -13.84 -5.79
N SER C 12 4.08 -13.19 -6.95
CA SER C 12 3.01 -13.18 -7.94
C SER C 12 3.08 -14.44 -8.79
N ALA C 13 2.94 -15.59 -8.14
CA ALA C 13 2.97 -16.88 -8.83
C ALA C 13 2.25 -17.89 -7.96
N PRO C 14 1.66 -18.93 -8.58
CA PRO C 14 0.95 -19.96 -7.81
C PRO C 14 1.94 -20.74 -6.97
N PRO C 15 1.52 -21.21 -5.79
CA PRO C 15 2.45 -21.97 -4.95
C PRO C 15 3.09 -23.20 -5.62
N GLU C 16 2.34 -23.89 -6.50
CA GLU C 16 2.91 -25.06 -7.17
C GLU C 16 4.11 -24.71 -8.04
N ARG C 17 4.07 -23.55 -8.70
CA ARG C 17 5.17 -23.12 -9.55
C ARG C 17 6.39 -22.74 -8.71
N VAL C 18 6.16 -22.14 -7.54
CA VAL C 18 7.27 -21.76 -6.65
C VAL C 18 7.88 -23.04 -6.09
N TYR C 19 7.00 -23.98 -5.75
CA TYR C 19 7.40 -25.27 -5.21
C TYR C 19 8.36 -25.95 -6.20
N ARG C 20 7.95 -26.03 -7.46
CA ARG C 20 8.80 -26.65 -8.50
C ARG C 20 10.14 -25.95 -8.58
N ALA C 21 10.14 -24.62 -8.46
CA ALA C 21 11.39 -23.86 -8.54
C ALA C 21 12.40 -24.29 -7.48
N PHE C 22 11.92 -24.78 -6.35
CA PHE C 22 12.82 -25.23 -5.28
C PHE C 22 13.40 -26.63 -5.51
N LEU C 23 12.77 -27.42 -6.37
CA LEU C 23 13.23 -28.78 -6.63
C LEU C 23 13.84 -29.03 -8.01
N ASP C 24 13.38 -28.28 -9.01
CA ASP C 24 13.90 -28.42 -10.37
C ASP C 24 15.36 -27.97 -10.49
N PRO C 25 16.27 -28.91 -10.81
CA PRO C 25 17.70 -28.59 -10.93
C PRO C 25 18.00 -27.45 -11.89
N LEU C 26 17.23 -27.33 -12.97
CA LEU C 26 17.44 -26.27 -13.94
C LEU C 26 17.07 -24.92 -13.32
N ALA C 27 16.04 -24.91 -12.47
CA ALA C 27 15.60 -23.68 -11.83
C ALA C 27 16.62 -23.28 -10.78
N LEU C 28 16.92 -24.23 -9.90
CA LEU C 28 17.87 -24.00 -8.81
C LEU C 28 19.20 -23.43 -9.28
N ALA C 29 19.75 -24.01 -10.34
CA ALA C 29 21.04 -23.55 -10.87
C ALA C 29 20.96 -22.09 -11.31
N LYS C 30 19.77 -21.61 -11.66
CA LYS C 30 19.65 -20.22 -12.08
C LYS C 30 19.34 -19.25 -10.94
N TRP C 31 18.39 -19.59 -10.07
CA TRP C 31 18.03 -18.66 -9.00
C TRP C 31 18.73 -18.82 -7.65
N LEU C 32 19.16 -20.03 -7.31
CA LEU C 32 19.79 -20.25 -6.00
C LEU C 32 21.11 -19.53 -5.72
N PRO C 33 22.12 -19.70 -6.59
CA PRO C 33 23.40 -19.00 -6.33
C PRO C 33 23.28 -17.47 -6.32
N PRO C 34 23.85 -16.82 -5.30
CA PRO C 34 23.79 -15.35 -5.21
C PRO C 34 24.55 -14.70 -6.37
N GLU C 35 24.54 -13.38 -6.39
CA GLU C 35 25.23 -12.63 -7.44
C GLU C 35 26.72 -12.94 -7.51
N GLY C 36 27.21 -13.20 -8.72
CA GLY C 36 28.62 -13.50 -8.90
C GLY C 36 28.97 -14.95 -8.65
N PHE C 37 27.94 -15.77 -8.42
CA PHE C 37 28.14 -17.18 -8.16
C PHE C 37 27.38 -18.03 -9.18
N VAL C 38 27.99 -19.13 -9.60
CA VAL C 38 27.31 -20.04 -10.51
C VAL C 38 27.08 -21.30 -9.70
N CYS C 39 26.14 -22.12 -10.13
CA CYS C 39 25.83 -23.33 -9.39
C CYS C 39 25.81 -24.57 -10.26
N LYS C 40 26.50 -25.60 -9.80
CA LYS C 40 26.54 -26.87 -10.51
C LYS C 40 25.75 -27.82 -9.63
N VAL C 41 24.73 -28.46 -10.20
CA VAL C 41 23.92 -29.38 -9.42
C VAL C 41 24.38 -30.82 -9.66
N LEU C 42 25.01 -31.41 -8.65
CA LEU C 42 25.53 -32.76 -8.73
C LEU C 42 24.47 -33.87 -8.55
N GLU C 43 23.54 -33.66 -7.63
CA GLU C 43 22.48 -34.63 -7.38
C GLU C 43 21.20 -33.91 -6.97
N HIS C 44 20.06 -34.38 -7.46
CA HIS C 44 18.77 -33.76 -7.17
C HIS C 44 17.63 -34.76 -7.03
N ASP C 45 17.81 -35.73 -6.15
CA ASP C 45 16.81 -36.77 -5.90
C ASP C 45 15.70 -36.19 -5.02
N ALA C 46 14.66 -35.64 -5.64
CA ALA C 46 13.56 -35.01 -4.91
C ALA C 46 12.53 -35.98 -4.37
N ARG C 47 12.91 -36.74 -3.36
CA ARG C 47 12.03 -37.71 -2.73
C ARG C 47 12.33 -37.64 -1.25
N VAL C 48 11.36 -38.03 -0.43
CA VAL C 48 11.58 -38.05 1.01
C VAL C 48 12.69 -39.05 1.24
N GLY C 49 13.83 -38.56 1.74
CA GLY C 49 14.96 -39.42 1.97
C GLY C 49 16.01 -39.21 0.88
N GLY C 50 15.56 -38.69 -0.27
CA GLY C 50 16.45 -38.44 -1.39
C GLY C 50 17.59 -37.49 -1.03
N ALA C 51 18.71 -37.60 -1.74
CA ALA C 51 19.86 -36.75 -1.46
C ALA C 51 19.94 -35.47 -2.28
N TYR C 52 20.48 -34.43 -1.65
CA TYR C 52 20.64 -33.09 -2.21
C TYR C 52 22.14 -32.88 -2.46
N LYS C 53 22.51 -32.44 -3.65
CA LYS C 53 23.93 -32.18 -3.92
C LYS C 53 24.23 -31.18 -5.02
N MSE C 54 25.01 -30.16 -4.68
CA MSE C 54 25.42 -29.13 -5.62
C MSE C 54 26.54 -28.30 -5.01
O MSE C 54 26.88 -28.48 -3.85
CB MSE C 54 24.26 -28.21 -6.01
CG MSE C 54 23.51 -27.56 -4.87
SE MSE C 54 22.00 -28.45 -4.47
CE MSE C 54 21.01 -28.20 -5.93
N GLU C 55 27.13 -27.42 -5.80
CA GLU C 55 28.19 -26.58 -5.29
C GLU C 55 28.22 -25.21 -5.95
N PHE C 56 28.50 -24.19 -5.15
CA PHE C 56 28.57 -22.82 -5.63
C PHE C 56 30.01 -22.49 -5.96
N LEU C 57 30.20 -21.70 -7.01
CA LEU C 57 31.53 -21.29 -7.40
C LEU C 57 31.54 -19.79 -7.66
N ALA C 58 32.46 -19.08 -7.02
CA ALA C 58 32.59 -17.65 -7.22
C ALA C 58 33.10 -17.57 -8.65
N PHE C 59 32.41 -16.81 -9.50
CA PHE C 59 32.82 -16.73 -10.89
C PHE C 59 34.13 -15.97 -11.13
N ALA C 60 34.42 -14.98 -10.29
CA ALA C 60 35.64 -14.20 -10.47
C ALA C 60 36.90 -14.78 -9.82
N SER C 61 36.76 -15.84 -9.03
CA SER C 61 37.92 -16.44 -8.38
C SER C 61 38.00 -17.94 -8.62
N GLY C 62 36.85 -18.55 -8.83
CA GLY C 62 36.82 -19.99 -9.05
C GLY C 62 36.57 -20.71 -7.73
N GLN C 63 36.68 -19.95 -6.63
CA GLN C 63 36.46 -20.45 -5.29
C GLN C 63 35.19 -21.30 -5.25
N LYS C 64 35.32 -22.60 -4.96
CA LYS C 64 34.17 -23.48 -4.92
C LYS C 64 33.76 -23.92 -3.52
N HIS C 65 32.46 -23.96 -3.28
CA HIS C 65 31.91 -24.39 -2.00
C HIS C 65 30.78 -25.38 -2.25
N ALA C 66 30.97 -26.60 -1.77
CA ALA C 66 29.98 -27.64 -1.95
C ALA C 66 29.15 -27.84 -0.69
N PHE C 67 27.90 -28.25 -0.88
CA PHE C 67 26.99 -28.53 0.22
C PHE C 67 25.92 -29.48 -0.24
N GLY C 68 25.22 -30.08 0.71
CA GLY C 68 24.17 -31.02 0.36
C GLY C 68 23.47 -31.54 1.59
N GLY C 69 22.39 -32.29 1.35
CA GLY C 69 21.63 -32.85 2.44
C GLY C 69 20.58 -33.79 1.89
N ARG C 70 19.46 -33.91 2.60
CA ARG C 70 18.39 -34.79 2.15
C ARG C 70 17.02 -34.17 2.39
N TYR C 71 16.05 -34.61 1.61
CA TYR C 71 14.69 -34.12 1.76
C TYR C 71 14.03 -34.89 2.88
N LEU C 72 13.61 -34.18 3.93
CA LEU C 72 12.96 -34.82 5.06
C LEU C 72 11.48 -34.93 4.83
N GLU C 73 10.91 -33.91 4.20
CA GLU C 73 9.48 -33.89 3.92
C GLU C 73 9.18 -33.18 2.61
N LEU C 74 8.14 -33.64 1.92
CA LEU C 74 7.71 -33.02 0.67
C LEU C 74 6.18 -33.08 0.53
N VAL C 75 5.54 -31.92 0.51
CA VAL C 75 4.09 -31.86 0.31
C VAL C 75 3.95 -30.96 -0.91
N PRO C 76 3.62 -31.57 -2.06
CA PRO C 76 3.45 -30.85 -3.33
C PRO C 76 2.79 -29.48 -3.22
N GLY C 77 3.54 -28.47 -3.66
CA GLY C 77 3.06 -27.10 -3.66
C GLY C 77 2.76 -26.55 -2.27
N GLU C 78 3.32 -27.17 -1.24
CA GLU C 78 3.05 -26.70 0.11
C GLU C 78 4.19 -26.69 1.10
N ARG C 79 5.05 -27.70 1.06
CA ARG C 79 6.10 -27.80 2.05
C ARG C 79 7.34 -28.58 1.62
N ILE C 80 8.50 -28.04 1.99
CA ILE C 80 9.76 -28.69 1.71
C ILE C 80 10.63 -28.48 2.93
N ARG C 81 11.14 -29.56 3.52
CA ARG C 81 12.03 -29.44 4.67
C ARG C 81 13.24 -30.29 4.30
N TYR C 82 14.42 -29.72 4.41
CA TYR C 82 15.61 -30.48 4.05
C TYR C 82 16.81 -30.12 4.91
N THR C 83 17.72 -31.07 5.06
CA THR C 83 18.93 -30.85 5.84
C THR C 83 20.00 -30.29 4.94
N ASP C 84 20.99 -29.63 5.55
CA ASP C 84 22.09 -29.07 4.82
C ASP C 84 23.36 -29.41 5.58
N ARG C 85 24.38 -29.86 4.85
CA ARG C 85 25.67 -30.22 5.43
C ARG C 85 26.73 -29.60 4.53
N PHE C 86 27.61 -28.79 5.11
CA PHE C 86 28.67 -28.13 4.34
C PHE C 86 29.90 -29.03 4.22
N ASP C 87 30.29 -29.33 2.98
CA ASP C 87 31.45 -30.17 2.73
C ASP C 87 32.74 -29.38 2.92
N ASP C 88 32.59 -28.11 3.27
CA ASP C 88 33.73 -27.23 3.50
C ASP C 88 34.44 -27.67 4.78
N ALA C 89 35.76 -27.58 4.79
CA ALA C 89 36.55 -27.98 5.96
C ALA C 89 36.44 -26.95 7.07
N GLY C 90 35.52 -27.19 8.01
CA GLY C 90 35.34 -26.28 9.13
C GLY C 90 33.91 -25.88 9.44
N LEU C 91 32.94 -26.64 8.94
CA LEU C 91 31.53 -26.32 9.18
C LEU C 91 30.64 -27.53 9.40
N PRO C 92 30.99 -28.40 10.36
CA PRO C 92 30.15 -29.58 10.60
C PRO C 92 28.86 -29.22 11.33
N GLY C 93 27.91 -30.16 11.39
CA GLY C 93 26.65 -29.90 12.05
C GLY C 93 25.45 -30.17 11.16
N ASP C 94 24.25 -29.94 11.68
CA ASP C 94 23.03 -30.17 10.91
C ASP C 94 22.13 -28.94 10.80
N MSE C 95 22.11 -28.34 9.61
CA MSE C 95 21.31 -27.15 9.35
C MSE C 95 20.01 -27.59 8.66
O MSE C 95 20.04 -28.31 7.67
CB MSE C 95 22.11 -26.18 8.46
CG MSE C 95 21.58 -24.75 8.39
SE MSE C 95 20.56 -24.35 6.93
CE MSE C 95 21.85 -23.61 5.86
N ILE C 96 18.88 -27.15 9.19
CA ILE C 96 17.60 -27.54 8.60
C ILE C 96 16.79 -26.36 8.12
N THR C 97 16.30 -26.45 6.89
CA THR C 97 15.47 -25.38 6.38
C THR C 97 14.12 -25.92 5.95
N THR C 98 13.08 -25.14 6.20
CA THR C 98 11.75 -25.56 5.83
C THR C 98 11.06 -24.42 5.09
N ILE C 99 10.53 -24.78 3.93
CA ILE C 99 9.86 -23.86 3.06
C ILE C 99 8.36 -24.12 3.16
N THR C 100 7.59 -23.07 3.42
CA THR C 100 6.15 -23.24 3.51
C THR C 100 5.50 -22.30 2.51
N LEU C 101 4.61 -22.84 1.70
CA LEU C 101 3.91 -22.08 0.69
C LEU C 101 2.40 -22.20 0.89
N ALA C 102 1.71 -21.10 0.64
CA ALA C 102 0.27 -21.03 0.75
C ALA C 102 -0.26 -20.18 -0.39
N PRO C 103 -1.48 -20.43 -0.84
CA PRO C 103 -2.03 -19.63 -1.94
C PRO C 103 -2.55 -18.28 -1.47
N LEU C 104 -2.58 -17.33 -2.39
CA LEU C 104 -3.08 -15.98 -2.14
C LEU C 104 -3.75 -15.59 -3.44
N SER C 105 -4.64 -14.59 -3.40
CA SER C 105 -5.31 -14.15 -4.61
C SER C 105 -4.29 -13.68 -5.64
N CYS C 106 -3.24 -13.01 -5.16
CA CYS C 106 -2.20 -12.50 -6.05
C CYS C 106 -1.18 -13.56 -6.42
N GLY C 107 -1.21 -14.70 -5.74
CA GLY C 107 -0.25 -15.74 -6.05
C GLY C 107 0.12 -16.68 -4.92
N ALA C 108 1.23 -16.39 -4.24
CA ALA C 108 1.68 -17.27 -3.17
C ALA C 108 2.44 -16.57 -2.05
N ASP C 109 2.26 -17.10 -0.84
CA ASP C 109 2.95 -16.60 0.34
C ASP C 109 4.09 -17.58 0.59
N LEU C 110 5.30 -17.05 0.67
CA LEU C 110 6.48 -17.88 0.87
C LEU C 110 7.15 -17.63 2.20
N SER C 111 7.26 -18.69 2.99
CA SER C 111 7.90 -18.63 4.29
C SER C 111 9.12 -19.54 4.32
N ILE C 112 10.24 -19.00 4.76
CA ILE C 112 11.46 -19.77 4.86
C ILE C 112 12.08 -19.63 6.25
N VAL C 113 12.48 -20.77 6.81
CA VAL C 113 13.14 -20.76 8.11
C VAL C 113 14.29 -21.74 8.06
N GLN C 114 15.44 -21.30 8.54
CA GLN C 114 16.64 -22.12 8.59
C GLN C 114 17.08 -22.18 10.04
N GLU C 115 17.11 -23.39 10.59
CA GLU C 115 17.51 -23.60 11.98
C GLU C 115 18.91 -24.21 12.02
N GLY C 116 19.55 -24.15 13.18
CA GLY C 116 20.87 -24.73 13.35
C GLY C 116 22.00 -24.14 12.54
N ILE C 117 21.94 -22.84 12.25
CA ILE C 117 23.00 -22.21 11.49
C ILE C 117 24.19 -22.04 12.44
N PRO C 118 25.37 -22.52 12.04
CA PRO C 118 26.58 -22.42 12.88
C PRO C 118 26.83 -20.99 13.37
N ASP C 119 27.28 -20.86 14.61
CA ASP C 119 27.55 -19.53 15.17
C ASP C 119 28.67 -18.84 14.41
N ALA C 120 29.52 -19.64 13.77
CA ALA C 120 30.65 -19.10 13.00
C ALA C 120 30.15 -18.25 11.83
N ILE C 121 29.06 -18.69 11.20
CA ILE C 121 28.47 -17.98 10.08
C ILE C 121 27.58 -16.85 10.58
N PRO C 122 27.99 -15.58 10.34
CA PRO C 122 27.17 -14.46 10.79
C PRO C 122 25.80 -14.45 10.14
N PRO C 123 24.73 -14.42 10.94
CA PRO C 123 23.36 -14.42 10.44
C PRO C 123 23.12 -13.37 9.36
N GLU C 124 23.70 -12.19 9.54
CA GLU C 124 23.55 -11.10 8.58
C GLU C 124 23.94 -11.56 7.18
N ASN C 125 24.98 -12.40 7.08
CA ASN C 125 25.42 -12.90 5.79
C ASN C 125 24.38 -13.82 5.15
N CYS C 126 23.67 -14.59 5.99
CA CYS C 126 22.67 -15.50 5.46
C CYS C 126 21.48 -14.71 4.89
N TYR C 127 21.12 -13.62 5.56
CA TYR C 127 20.03 -12.78 5.10
C TYR C 127 20.41 -12.13 3.76
N LEU C 128 21.61 -11.58 3.69
CA LEU C 128 22.05 -10.95 2.45
C LEU C 128 22.01 -11.97 1.32
N GLY C 129 22.48 -13.18 1.61
CA GLY C 129 22.49 -14.23 0.61
C GLY C 129 21.09 -14.59 0.14
N TRP C 130 20.17 -14.81 1.08
CA TRP C 130 18.80 -15.15 0.71
C TRP C 130 18.10 -14.02 -0.03
N GLN C 131 18.37 -12.78 0.36
CA GLN C 131 17.72 -11.65 -0.29
C GLN C 131 18.05 -11.62 -1.78
N GLN C 132 19.31 -11.90 -2.11
CA GLN C 132 19.71 -11.92 -3.51
C GLN C 132 19.03 -13.09 -4.23
N SER C 133 19.03 -14.26 -3.61
CA SER C 133 18.41 -15.44 -4.23
C SER C 133 16.91 -15.31 -4.40
N LEU C 134 16.24 -14.67 -3.44
CA LEU C 134 14.80 -14.51 -3.50
C LEU C 134 14.41 -13.56 -4.63
N LYS C 135 15.25 -12.56 -4.86
CA LYS C 135 15.01 -11.60 -5.93
C LYS C 135 15.08 -12.37 -7.26
N GLN C 136 16.07 -13.26 -7.37
CA GLN C 136 16.24 -14.08 -8.57
C GLN C 136 15.12 -15.10 -8.74
N LEU C 137 14.63 -15.65 -7.62
CA LEU C 137 13.53 -16.62 -7.67
C LEU C 137 12.29 -15.94 -8.25
N ALA C 138 12.02 -14.72 -7.79
CA ALA C 138 10.87 -13.96 -8.25
C ALA C 138 10.89 -13.70 -9.76
N ALA C 139 12.05 -13.32 -10.29
CA ALA C 139 12.18 -13.02 -11.71
C ALA C 139 11.86 -14.26 -12.53
N LEU C 140 12.16 -15.42 -11.98
CA LEU C 140 11.95 -16.68 -12.66
C LEU C 140 10.51 -17.20 -12.62
N VAL C 141 9.91 -17.15 -11.44
CA VAL C 141 8.59 -17.70 -11.24
C VAL C 141 7.39 -16.80 -11.49
N GLU C 142 7.57 -15.49 -11.39
CA GLU C 142 6.45 -14.59 -11.58
C GLU C 142 5.94 -14.43 -13.03
N PRO C 143 6.83 -14.53 -14.03
CA PRO C 143 6.34 -14.38 -15.41
C PRO C 143 5.25 -15.34 -15.87
N ASP C 144 4.37 -14.81 -16.73
CA ASP C 144 3.24 -15.54 -17.32
C ASP C 144 2.47 -16.38 -16.31
N PRO D 2 -8.62 -4.40 11.49
CA PRO D 2 -7.44 -4.04 10.69
C PRO D 2 -6.36 -5.11 10.76
N ASN D 3 -5.41 -5.06 9.83
CA ASN D 3 -4.33 -6.03 9.80
C ASN D 3 -2.98 -5.34 9.97
N THR D 4 -1.99 -6.11 10.42
CA THR D 4 -0.64 -5.60 10.64
C THR D 4 0.36 -6.33 9.75
N ILE D 5 1.26 -5.56 9.15
CA ILE D 5 2.30 -6.08 8.26
C ILE D 5 3.68 -5.88 8.89
N ARG D 6 4.58 -6.82 8.64
CA ARG D 6 5.95 -6.76 9.17
C ARG D 6 6.97 -7.19 8.11
N LEU D 7 8.03 -6.42 7.97
CA LEU D 7 9.07 -6.72 6.99
C LEU D 7 10.44 -6.59 7.62
N HIS D 8 11.39 -7.35 7.10
CA HIS D 8 12.75 -7.32 7.60
C HIS D 8 13.77 -7.41 6.46
N ARG D 9 14.76 -6.52 6.49
CA ARG D 9 15.82 -6.53 5.48
C ARG D 9 17.18 -6.18 6.12
N VAL D 10 18.24 -6.75 5.58
CA VAL D 10 19.58 -6.44 6.03
C VAL D 10 20.10 -5.58 4.88
N LEU D 11 20.61 -4.41 5.20
CA LEU D 11 21.12 -3.52 4.16
C LEU D 11 22.61 -3.22 4.34
N SER D 12 23.33 -3.18 3.23
CA SER D 12 24.77 -2.90 3.24
C SER D 12 25.01 -1.39 3.35
N ALA D 13 24.41 -0.78 4.35
CA ALA D 13 24.58 0.65 4.56
C ALA D 13 24.38 0.97 6.04
N PRO D 14 25.10 1.97 6.56
CA PRO D 14 24.96 2.34 7.97
C PRO D 14 23.56 2.83 8.31
N PRO D 15 23.12 2.59 9.56
CA PRO D 15 21.79 3.00 10.01
C PRO D 15 21.42 4.46 9.80
N GLU D 16 22.39 5.35 9.94
CA GLU D 16 22.12 6.78 9.78
C GLU D 16 21.75 7.15 8.34
N ARG D 17 22.39 6.52 7.37
CA ARG D 17 22.08 6.81 5.98
C ARG D 17 20.68 6.27 5.66
N VAL D 18 20.38 5.08 6.18
CA VAL D 18 19.07 4.47 5.95
C VAL D 18 18.00 5.35 6.59
N TYR D 19 18.29 5.81 7.81
CA TYR D 19 17.39 6.67 8.56
C TYR D 19 17.06 7.90 7.71
N ARG D 20 18.10 8.50 7.17
CA ARG D 20 18.03 9.69 6.34
C ARG D 20 17.11 9.49 5.12
N ALA D 21 17.17 8.30 4.54
CA ALA D 21 16.37 7.96 3.36
C ALA D 21 14.86 8.00 3.65
N PHE D 22 14.49 7.79 4.91
CA PHE D 22 13.07 7.79 5.30
C PHE D 22 12.51 9.19 5.58
N LEU D 23 13.38 10.20 5.66
CA LEU D 23 12.94 11.55 5.95
C LEU D 23 13.28 12.60 4.87
N ASP D 24 14.27 12.30 4.04
CA ASP D 24 14.65 13.21 2.97
C ASP D 24 13.62 13.12 1.84
N PRO D 25 13.00 14.25 1.47
CA PRO D 25 12.00 14.28 0.40
C PRO D 25 12.51 13.85 -0.98
N LEU D 26 13.77 14.15 -1.27
CA LEU D 26 14.37 13.80 -2.54
C LEU D 26 14.61 12.29 -2.61
N ALA D 27 14.81 11.66 -1.47
CA ALA D 27 15.04 10.22 -1.42
C ALA D 27 13.70 9.49 -1.47
N LEU D 28 12.77 9.91 -0.62
CA LEU D 28 11.44 9.31 -0.56
C LEU D 28 10.77 9.33 -1.93
N ALA D 29 10.91 10.44 -2.65
CA ALA D 29 10.30 10.56 -3.96
C ALA D 29 10.88 9.53 -4.91
N LYS D 30 12.12 9.10 -4.66
CA LYS D 30 12.74 8.13 -5.53
C LYS D 30 12.50 6.67 -5.16
N TRP D 31 12.56 6.33 -3.87
CA TRP D 31 12.38 4.94 -3.48
C TRP D 31 11.02 4.52 -2.95
N LEU D 32 10.28 5.44 -2.35
CA LEU D 32 8.98 5.09 -1.77
C LEU D 32 7.90 4.60 -2.77
N PRO D 33 7.69 5.33 -3.89
CA PRO D 33 6.68 4.89 -4.85
C PRO D 33 7.08 3.60 -5.54
N PRO D 34 6.19 2.60 -5.52
CA PRO D 34 6.54 1.32 -6.17
C PRO D 34 6.56 1.43 -7.69
N GLU D 35 6.86 0.33 -8.37
CA GLU D 35 6.97 0.30 -9.82
C GLU D 35 5.78 0.88 -10.57
N GLY D 36 6.08 1.73 -11.55
CA GLY D 36 5.02 2.33 -12.34
C GLY D 36 4.38 3.53 -11.65
N PHE D 37 4.89 3.86 -10.46
CA PHE D 37 4.37 4.99 -9.71
C PHE D 37 5.43 6.06 -9.48
N VAL D 38 4.99 7.32 -9.48
CA VAL D 38 5.92 8.41 -9.18
C VAL D 38 5.37 9.02 -7.90
N CYS D 39 6.21 9.75 -7.18
CA CYS D 39 5.79 10.36 -5.93
C CYS D 39 5.95 11.88 -5.94
N LYS D 40 4.94 12.56 -5.43
CA LYS D 40 4.97 14.02 -5.33
C LYS D 40 4.90 14.30 -3.83
N VAL D 41 5.85 15.07 -3.32
CA VAL D 41 5.85 15.39 -1.91
C VAL D 41 5.24 16.79 -1.73
N LEU D 42 4.13 16.86 -1.01
CA LEU D 42 3.46 18.14 -0.78
C LEU D 42 4.02 18.84 0.45
N GLU D 43 4.06 18.14 1.57
CA GLU D 43 4.57 18.70 2.81
C GLU D 43 5.48 17.69 3.51
N HIS D 44 6.59 18.17 4.07
CA HIS D 44 7.53 17.28 4.74
C HIS D 44 8.23 17.88 5.96
N ASP D 45 7.47 18.10 7.02
CA ASP D 45 8.01 18.66 8.26
C ASP D 45 8.55 17.53 9.14
N ALA D 46 9.85 17.25 9.00
CA ALA D 46 10.51 16.17 9.73
C ALA D 46 10.84 16.46 11.19
N ARG D 47 9.81 16.42 12.04
CA ARG D 47 9.99 16.65 13.47
C ARG D 47 8.73 16.15 14.16
N VAL D 48 8.85 15.81 15.45
CA VAL D 48 7.71 15.31 16.21
C VAL D 48 6.52 16.24 16.07
N GLY D 49 5.37 15.68 15.69
CA GLY D 49 4.17 16.47 15.51
C GLY D 49 4.13 17.11 14.13
N GLY D 50 5.27 17.08 13.44
CA GLY D 50 5.34 17.66 12.11
C GLY D 50 4.44 16.92 11.13
N ALA D 51 3.88 17.67 10.17
CA ALA D 51 2.97 17.10 9.18
C ALA D 51 3.71 16.45 8.00
N TYR D 52 3.09 15.40 7.47
CA TYR D 52 3.62 14.59 6.37
C TYR D 52 2.54 14.53 5.30
N LYS D 53 2.89 14.83 4.04
CA LYS D 53 1.89 14.77 2.98
C LYS D 53 2.48 14.54 1.59
N MSE D 54 1.95 13.52 0.92
CA MSE D 54 2.41 13.20 -0.43
C MSE D 54 1.36 12.41 -1.21
O MSE D 54 0.29 12.08 -0.68
CB MSE D 54 3.75 12.44 -0.39
CG MSE D 54 4.03 11.62 0.88
SE MSE D 54 5.75 10.98 0.93
CE MSE D 54 6.61 12.42 1.64
N GLU D 55 1.65 12.14 -2.47
CA GLU D 55 0.72 11.39 -3.26
C GLU D 55 1.43 10.56 -4.32
N PHE D 56 0.92 9.36 -4.54
CA PHE D 56 1.47 8.48 -5.54
C PHE D 56 0.58 8.60 -6.77
N LEU D 57 1.20 8.66 -7.94
CA LEU D 57 0.45 8.72 -9.19
C LEU D 57 0.92 7.57 -10.04
N ALA D 58 -0.02 6.80 -10.58
CA ALA D 58 0.32 5.69 -11.47
C ALA D 58 0.76 6.43 -12.72
N PHE D 59 1.98 6.17 -13.20
CA PHE D 59 2.43 6.91 -14.38
C PHE D 59 1.61 6.67 -15.64
N ALA D 60 1.16 5.45 -15.86
CA ALA D 60 0.42 5.13 -17.07
C ALA D 60 -0.95 5.79 -17.17
N SER D 61 -1.73 5.69 -16.10
CA SER D 61 -3.08 6.24 -16.06
C SER D 61 -3.16 7.64 -15.48
N GLY D 62 -2.20 7.99 -14.62
CA GLY D 62 -2.23 9.30 -13.99
C GLY D 62 -3.12 9.31 -12.76
N GLN D 63 -3.61 8.13 -12.39
CA GLN D 63 -4.47 7.95 -11.22
C GLN D 63 -3.73 8.41 -9.95
N LYS D 64 -4.34 9.34 -9.21
CA LYS D 64 -3.72 9.85 -7.99
C LYS D 64 -4.16 9.13 -6.72
N HIS D 65 -3.26 9.11 -5.75
CA HIS D 65 -3.49 8.49 -4.46
C HIS D 65 -2.76 9.33 -3.43
N ALA D 66 -3.49 10.20 -2.75
CA ALA D 66 -2.90 11.07 -1.75
C ALA D 66 -2.92 10.42 -0.38
N PHE D 67 -1.90 10.70 0.42
CA PHE D 67 -1.82 10.16 1.77
C PHE D 67 -0.94 11.06 2.60
N GLY D 68 -1.10 10.98 3.92
CA GLY D 68 -0.31 11.80 4.80
C GLY D 68 -0.43 11.37 6.24
N GLY D 69 0.33 12.03 7.10
CA GLY D 69 0.29 11.70 8.51
C GLY D 69 1.17 12.61 9.33
N ARG D 70 1.47 12.17 10.54
CA ARG D 70 2.30 12.94 11.46
C ARG D 70 3.44 12.10 11.99
N TYR D 71 4.59 12.73 12.18
CA TYR D 71 5.73 12.03 12.74
C TYR D 71 5.52 12.03 14.24
N LEU D 72 5.40 10.86 14.84
CA LEU D 72 5.18 10.74 16.27
C LEU D 72 6.49 10.58 17.03
N GLU D 73 7.44 9.86 16.45
CA GLU D 73 8.71 9.62 17.11
C GLU D 73 9.86 9.63 16.11
N LEU D 74 10.95 10.30 16.46
CA LEU D 74 12.12 10.38 15.60
C LEU D 74 13.42 10.30 16.40
N VAL D 75 14.13 9.19 16.26
CA VAL D 75 15.40 8.99 16.94
C VAL D 75 16.45 8.66 15.89
N PRO D 76 17.32 9.63 15.58
CA PRO D 76 18.39 9.47 14.58
C PRO D 76 19.06 8.10 14.52
N GLY D 77 19.04 7.52 13.33
CA GLY D 77 19.65 6.23 13.09
C GLY D 77 19.11 5.04 13.87
N GLU D 78 17.95 5.18 14.47
CA GLU D 78 17.41 4.09 15.27
C GLU D 78 15.91 3.82 15.17
N ARG D 79 15.11 4.88 15.08
CA ARG D 79 13.67 4.67 15.07
C ARG D 79 12.84 5.81 14.48
N ILE D 80 11.79 5.43 13.77
CA ILE D 80 10.87 6.39 13.17
C ILE D 80 9.46 5.84 13.32
N ARG D 81 8.56 6.68 13.81
CA ARG D 81 7.18 6.26 13.99
C ARG D 81 6.28 7.39 13.51
N TYR D 82 5.47 7.10 12.49
CA TYR D 82 4.56 8.10 11.94
C TYR D 82 3.21 7.47 11.61
N THR D 83 2.18 8.30 11.54
CA THR D 83 0.85 7.81 11.21
C THR D 83 0.72 7.94 9.69
N ASP D 84 -0.20 7.19 9.11
CA ASP D 84 -0.39 7.25 7.68
C ASP D 84 -1.85 7.00 7.37
N ARG D 85 -2.41 7.79 6.46
CA ARG D 85 -3.80 7.63 6.08
C ARG D 85 -4.03 8.13 4.65
N PHE D 86 -4.73 7.32 3.85
CA PHE D 86 -5.04 7.69 2.47
C PHE D 86 -6.31 8.54 2.44
N ASP D 87 -6.38 9.49 1.52
CA ASP D 87 -7.56 10.35 1.42
C ASP D 87 -8.71 9.64 0.71
N ASP D 88 -9.35 8.71 1.41
CA ASP D 88 -10.45 7.96 0.84
C ASP D 88 -11.62 7.84 1.80
N ALA D 89 -12.83 7.84 1.24
CA ALA D 89 -14.04 7.70 2.03
C ALA D 89 -14.07 6.26 2.52
N GLY D 90 -14.81 6.01 3.58
CA GLY D 90 -14.91 4.66 4.12
C GLY D 90 -13.65 4.29 4.87
N LEU D 91 -12.68 5.20 4.90
CA LEU D 91 -11.41 4.98 5.58
C LEU D 91 -11.09 6.16 6.50
N PRO D 92 -11.89 6.35 7.57
CA PRO D 92 -11.66 7.45 8.52
C PRO D 92 -10.43 7.27 9.40
N GLY D 93 -10.18 6.03 9.83
CA GLY D 93 -9.04 5.75 10.68
C GLY D 93 -7.69 5.80 9.98
N ASP D 94 -6.62 5.90 10.76
CA ASP D 94 -5.28 5.94 10.19
C ASP D 94 -4.42 4.77 10.64
N MSE D 95 -3.27 4.61 9.99
CA MSE D 95 -2.36 3.53 10.30
C MSE D 95 -1.13 4.11 11.00
O MSE D 95 -0.88 5.32 10.92
CB MSE D 95 -1.88 2.81 9.02
CG MSE D 95 -2.97 2.44 8.01
SE MSE D 95 -3.36 3.75 6.80
CE MSE D 95 -2.24 3.34 5.43
N ILE D 96 -0.36 3.25 11.67
CA ILE D 96 0.87 3.65 12.35
C ILE D 96 1.96 2.70 11.90
N THR D 97 3.08 3.24 11.43
CA THR D 97 4.17 2.38 11.00
C THR D 97 5.43 2.80 11.74
N THR D 98 6.15 1.81 12.26
CA THR D 98 7.37 2.10 12.98
C THR D 98 8.54 1.41 12.31
N ILE D 99 9.57 2.20 12.04
CA ILE D 99 10.79 1.72 11.41
C ILE D 99 11.86 1.64 12.49
N THR D 100 12.54 0.50 12.59
CA THR D 100 13.59 0.35 13.59
C THR D 100 14.88 -0.08 12.91
N LEU D 101 15.97 0.58 13.27
CA LEU D 101 17.27 0.29 12.70
C LEU D 101 18.27 -0.05 13.79
N ALA D 102 19.20 -0.94 13.46
CA ALA D 102 20.25 -1.36 14.38
C ALA D 102 21.48 -1.59 13.54
N PRO D 103 22.66 -1.31 14.10
CA PRO D 103 23.87 -1.52 13.31
C PRO D 103 24.26 -2.98 13.13
N LEU D 104 25.04 -3.26 12.09
CA LEU D 104 25.54 -4.59 11.78
C LEU D 104 26.88 -4.29 11.13
N SER D 105 27.81 -5.23 11.20
CA SER D 105 29.11 -4.99 10.59
C SER D 105 28.97 -4.78 9.08
N CYS D 106 27.98 -5.43 8.48
CA CYS D 106 27.75 -5.31 7.05
C CYS D 106 27.01 -4.01 6.74
N GLY D 107 26.39 -3.42 7.75
CA GLY D 107 25.66 -2.19 7.53
C GLY D 107 24.53 -1.97 8.53
N ALA D 108 23.32 -2.37 8.18
CA ALA D 108 22.20 -2.17 9.08
C ALA D 108 21.07 -3.18 8.97
N ASP D 109 20.39 -3.38 10.10
CA ASP D 109 19.26 -4.28 10.14
C ASP D 109 18.02 -3.38 10.20
N LEU D 110 17.12 -3.58 9.24
CA LEU D 110 15.90 -2.80 9.16
C LEU D 110 14.64 -3.61 9.45
N SER D 111 13.79 -3.10 10.32
CA SER D 111 12.54 -3.76 10.67
C SER D 111 11.44 -2.73 10.48
N ILE D 112 10.37 -3.12 9.80
CA ILE D 112 9.25 -2.22 9.56
C ILE D 112 8.00 -2.93 10.03
N VAL D 113 7.12 -2.19 10.68
CA VAL D 113 5.87 -2.74 11.17
C VAL D 113 4.77 -1.72 10.87
N GLN D 114 3.75 -2.16 10.13
CA GLN D 114 2.64 -1.28 9.79
C GLN D 114 1.36 -1.92 10.28
N GLU D 115 0.72 -1.27 11.25
CA GLU D 115 -0.53 -1.81 11.80
C GLU D 115 -1.70 -0.87 11.53
N GLY D 116 -2.92 -1.40 11.63
CA GLY D 116 -4.10 -0.59 11.40
C GLY D 116 -4.53 -0.54 9.94
N ILE D 117 -4.01 -1.46 9.14
CA ILE D 117 -4.35 -1.52 7.72
C ILE D 117 -5.80 -2.00 7.62
N PRO D 118 -6.68 -1.18 7.03
CA PRO D 118 -8.09 -1.55 6.88
C PRO D 118 -8.27 -2.94 6.27
N ASP D 119 -9.17 -3.73 6.85
CA ASP D 119 -9.44 -5.08 6.38
C ASP D 119 -9.78 -5.11 4.90
N ALA D 120 -10.21 -3.97 4.38
CA ALA D 120 -10.58 -3.85 2.98
C ALA D 120 -9.37 -3.97 2.07
N ILE D 121 -8.21 -3.56 2.57
CA ILE D 121 -6.98 -3.62 1.80
C ILE D 121 -6.30 -4.97 2.05
N PRO D 122 -6.18 -5.81 1.01
CA PRO D 122 -5.54 -7.11 1.22
C PRO D 122 -4.07 -6.97 1.61
N PRO D 123 -3.69 -7.45 2.81
CA PRO D 123 -2.30 -7.37 3.29
C PRO D 123 -1.26 -7.78 2.25
N GLU D 124 -1.59 -8.77 1.44
CA GLU D 124 -0.65 -9.23 0.41
C GLU D 124 -0.24 -8.09 -0.52
N ASN D 125 -1.19 -7.23 -0.89
CA ASN D 125 -0.89 -6.12 -1.78
C ASN D 125 0.11 -5.17 -1.14
N CYS D 126 -0.01 -5.00 0.18
CA CYS D 126 0.89 -4.12 0.91
C CYS D 126 2.29 -4.71 0.89
N TYR D 127 2.38 -6.03 1.02
CA TYR D 127 3.68 -6.70 1.02
C TYR D 127 4.38 -6.50 -0.34
N LEU D 128 3.63 -6.72 -1.42
CA LEU D 128 4.17 -6.56 -2.76
C LEU D 128 4.68 -5.12 -2.92
N GLY D 129 3.86 -4.17 -2.49
CA GLY D 129 4.25 -2.78 -2.57
C GLY D 129 5.55 -2.53 -1.84
N TRP D 130 5.62 -2.92 -0.57
CA TRP D 130 6.83 -2.72 0.23
C TRP D 130 8.04 -3.44 -0.32
N GLN D 131 7.84 -4.64 -0.86
CA GLN D 131 8.95 -5.38 -1.44
C GLN D 131 9.57 -4.59 -2.58
N GLN D 132 8.73 -3.94 -3.38
CA GLN D 132 9.24 -3.14 -4.48
C GLN D 132 9.93 -1.89 -3.94
N SER D 133 9.33 -1.24 -2.95
CA SER D 133 9.92 -0.03 -2.37
C SER D 133 11.27 -0.34 -1.71
N LEU D 134 11.32 -1.47 -0.99
CA LEU D 134 12.55 -1.85 -0.31
C LEU D 134 13.70 -2.16 -1.27
N LYS D 135 13.40 -2.72 -2.44
CA LYS D 135 14.45 -2.99 -3.42
C LYS D 135 15.01 -1.66 -3.94
N GLN D 136 14.13 -0.69 -4.12
CA GLN D 136 14.54 0.63 -4.60
C GLN D 136 15.34 1.32 -3.49
N LEU D 137 14.91 1.14 -2.25
CA LEU D 137 15.61 1.74 -1.11
C LEU D 137 17.06 1.24 -1.08
N ALA D 138 17.25 -0.07 -1.19
CA ALA D 138 18.57 -0.67 -1.18
C ALA D 138 19.50 -0.12 -2.26
N ALA D 139 18.96 0.03 -3.48
CA ALA D 139 19.76 0.55 -4.59
C ALA D 139 20.22 1.98 -4.33
N LEU D 140 19.41 2.73 -3.59
CA LEU D 140 19.76 4.12 -3.27
C LEU D 140 20.78 4.25 -2.13
N VAL D 141 20.51 3.56 -1.02
CA VAL D 141 21.36 3.64 0.18
C VAL D 141 22.63 2.80 0.23
N GLU D 142 22.68 1.70 -0.51
CA GLU D 142 23.86 0.84 -0.47
C GLU D 142 25.12 1.37 -1.18
N PRO D 143 24.95 2.10 -2.29
CA PRO D 143 26.14 2.62 -2.98
C PRO D 143 27.07 3.44 -2.09
N ASP D 144 28.37 3.32 -2.39
CA ASP D 144 29.47 3.99 -1.68
C ASP D 144 29.70 3.46 -0.27
N PRO E 2 -17.99 12.83 38.43
CA PRO E 2 -18.74 11.91 39.31
C PRO E 2 -20.18 11.68 38.86
N ASN E 3 -20.43 11.80 37.57
CA ASN E 3 -21.76 11.58 37.03
C ASN E 3 -21.77 10.87 35.68
N THR E 4 -22.75 10.01 35.48
CA THR E 4 -22.89 9.25 34.26
C THR E 4 -24.18 9.57 33.51
N ILE E 5 -24.06 9.71 32.19
CA ILE E 5 -25.18 10.03 31.32
C ILE E 5 -25.35 8.93 30.27
N ARG E 6 -26.60 8.65 29.88
CA ARG E 6 -26.87 7.64 28.88
C ARG E 6 -27.82 8.16 27.80
N LEU E 7 -27.51 7.88 26.54
CA LEU E 7 -28.34 8.35 25.45
C LEU E 7 -28.57 7.22 24.47
N HIS E 8 -29.76 7.21 23.89
CA HIS E 8 -30.10 6.17 22.93
C HIS E 8 -30.92 6.70 21.77
N ARG E 9 -30.56 6.27 20.57
CA ARG E 9 -31.31 6.67 19.39
C ARG E 9 -31.19 5.69 18.25
N VAL E 10 -32.26 5.61 17.47
CA VAL E 10 -32.27 4.74 16.32
C VAL E 10 -32.09 5.70 15.17
N LEU E 11 -31.17 5.35 14.27
CA LEU E 11 -30.87 6.18 13.11
C LEU E 11 -31.17 5.41 11.84
N SER E 12 -31.63 6.14 10.83
CA SER E 12 -31.95 5.55 9.54
C SER E 12 -30.72 5.58 8.66
N ALA E 13 -29.66 4.93 9.13
CA ALA E 13 -28.40 4.88 8.40
C ALA E 13 -27.66 3.61 8.82
N PRO E 14 -26.80 3.09 7.96
CA PRO E 14 -26.06 1.88 8.32
C PRO E 14 -24.97 2.14 9.36
N PRO E 15 -24.79 1.21 10.31
CA PRO E 15 -23.79 1.33 11.37
C PRO E 15 -22.44 1.91 10.92
N GLU E 16 -21.95 1.44 9.79
CA GLU E 16 -20.65 1.92 9.29
C GLU E 16 -20.64 3.42 8.99
N ARG E 17 -21.72 3.94 8.43
CA ARG E 17 -21.78 5.36 8.11
C ARG E 17 -21.79 6.18 9.40
N VAL E 18 -22.55 5.73 10.40
CA VAL E 18 -22.61 6.44 11.68
C VAL E 18 -21.21 6.42 12.30
N TYR E 19 -20.55 5.26 12.24
CA TYR E 19 -19.20 5.09 12.78
C TYR E 19 -18.26 6.14 12.17
N ARG E 20 -18.30 6.23 10.85
CA ARG E 20 -17.48 7.17 10.10
C ARG E 20 -17.70 8.62 10.58
N ALA E 21 -18.95 8.98 10.85
CA ALA E 21 -19.29 10.32 11.30
C ALA E 21 -18.68 10.66 12.67
N PHE E 22 -18.36 9.65 13.46
CA PHE E 22 -17.78 9.88 14.78
C PHE E 22 -16.27 10.10 14.72
N LEU E 23 -15.65 9.80 13.59
CA LEU E 23 -14.21 9.94 13.44
C LEU E 23 -13.77 10.95 12.39
N ASP E 24 -14.54 11.07 11.31
CA ASP E 24 -14.24 11.99 10.22
C ASP E 24 -14.28 13.45 10.72
N PRO E 25 -13.13 14.13 10.73
CA PRO E 25 -12.98 15.52 11.19
C PRO E 25 -13.97 16.50 10.57
N LEU E 26 -14.26 16.31 9.29
CA LEU E 26 -15.20 17.20 8.59
C LEU E 26 -16.62 16.97 9.09
N ALA E 27 -16.96 15.72 9.38
CA ALA E 27 -18.30 15.42 9.87
C ALA E 27 -18.42 15.92 11.30
N LEU E 28 -17.41 15.65 12.11
CA LEU E 28 -17.44 16.08 13.51
C LEU E 28 -17.58 17.58 13.66
N ALA E 29 -16.86 18.34 12.84
CA ALA E 29 -16.94 19.78 12.91
C ALA E 29 -18.35 20.26 12.59
N LYS E 30 -19.10 19.49 11.83
CA LYS E 30 -20.46 19.89 11.49
C LYS E 30 -21.51 19.46 12.51
N TRP E 31 -21.47 18.21 12.97
CA TRP E 31 -22.51 17.75 13.89
C TRP E 31 -22.23 17.77 15.39
N LEU E 32 -20.96 17.71 15.78
CA LEU E 32 -20.61 17.71 17.20
C LEU E 32 -20.95 18.95 18.02
N PRO E 33 -20.53 20.15 17.57
CA PRO E 33 -20.85 21.34 18.36
C PRO E 33 -22.36 21.63 18.38
N PRO E 34 -22.92 21.82 19.58
CA PRO E 34 -24.35 22.12 19.74
C PRO E 34 -24.74 23.38 18.98
N GLU E 35 -26.03 23.72 19.05
CA GLU E 35 -26.53 24.91 18.37
C GLU E 35 -25.85 26.16 18.90
N GLY E 36 -25.50 27.06 17.99
CA GLY E 36 -24.84 28.30 18.39
C GLY E 36 -23.36 28.13 18.60
N PHE E 37 -22.86 26.91 18.43
CA PHE E 37 -21.44 26.63 18.61
C PHE E 37 -20.78 26.16 17.32
N VAL E 38 -19.48 26.42 17.20
CA VAL E 38 -18.73 25.95 16.04
C VAL E 38 -17.62 25.12 16.64
N CYS E 39 -16.99 24.28 15.82
CA CYS E 39 -15.93 23.42 16.30
C CYS E 39 -14.68 23.49 15.44
N LYS E 40 -13.54 23.58 16.11
CA LYS E 40 -12.25 23.62 15.44
C LYS E 40 -11.53 22.35 15.84
N VAL E 41 -11.16 21.53 14.86
CA VAL E 41 -10.46 20.28 15.13
C VAL E 41 -8.97 20.57 15.10
N LEU E 42 -8.30 20.38 16.23
CA LEU E 42 -6.86 20.64 16.34
C LEU E 42 -6.01 19.40 16.10
N GLU E 43 -6.51 18.24 16.49
CA GLU E 43 -5.78 16.98 16.33
C GLU E 43 -6.79 15.84 16.20
N HIS E 44 -6.52 14.89 15.33
CA HIS E 44 -7.44 13.77 15.13
C HIS E 44 -6.76 12.47 14.69
N ASP E 45 -5.91 11.94 15.55
CA ASP E 45 -5.20 10.69 15.26
C ASP E 45 -6.21 9.57 15.52
N ALA E 46 -6.99 9.22 14.50
CA ALA E 46 -8.01 8.20 14.64
C ALA E 46 -7.53 6.76 14.64
N ARG E 47 -7.00 6.31 15.78
CA ARG E 47 -6.51 4.96 15.94
C ARG E 47 -6.42 4.69 17.44
N VAL E 48 -6.48 3.43 17.84
CA VAL E 48 -6.38 3.10 19.25
C VAL E 48 -5.06 3.60 19.81
N GLY E 49 -5.13 4.46 20.81
CA GLY E 49 -3.92 5.01 21.39
C GLY E 49 -3.66 6.39 20.83
N GLY E 50 -4.27 6.69 19.68
CA GLY E 50 -4.10 7.99 19.06
C GLY E 50 -4.80 9.10 19.85
N ALA E 51 -4.31 10.31 19.70
CA ALA E 51 -4.90 11.43 20.42
C ALA E 51 -5.75 12.33 19.53
N TYR E 52 -6.70 13.01 20.15
CA TYR E 52 -7.59 13.92 19.46
C TYR E 52 -7.68 15.17 20.31
N LYS E 53 -7.91 16.31 19.67
CA LYS E 53 -8.05 17.56 20.39
C LYS E 53 -8.97 18.48 19.59
N MSE E 54 -9.86 19.16 20.30
CA MSE E 54 -10.81 20.05 19.64
C MSE E 54 -11.18 21.18 20.56
O MSE E 54 -10.83 21.19 21.74
CB MSE E 54 -12.09 19.29 19.26
CG MSE E 54 -11.90 18.09 18.35
SE MSE E 54 -13.46 17.24 18.06
CE MSE E 54 -13.57 16.24 19.55
N GLU E 55 -11.90 22.15 20.01
CA GLU E 55 -12.36 23.28 20.78
C GLU E 55 -13.70 23.78 20.24
N PHE E 56 -14.63 24.01 21.16
CA PHE E 56 -15.94 24.52 20.81
C PHE E 56 -15.91 26.01 21.09
N LEU E 57 -16.39 26.81 20.14
CA LEU E 57 -16.44 28.25 20.34
C LEU E 57 -17.89 28.70 20.21
N ALA E 58 -18.37 29.47 21.19
CA ALA E 58 -19.72 29.98 21.13
C ALA E 58 -19.65 31.07 20.06
N PHE E 59 -20.49 30.96 19.03
CA PHE E 59 -20.44 31.92 17.94
C PHE E 59 -20.77 33.35 18.31
N ALA E 60 -21.80 33.55 19.14
CA ALA E 60 -22.21 34.89 19.51
C ALA E 60 -21.24 35.61 20.44
N SER E 61 -20.67 34.89 21.40
CA SER E 61 -19.74 35.52 22.35
C SER E 61 -18.29 35.29 21.96
N GLY E 62 -17.97 34.06 21.58
CA GLY E 62 -16.60 33.74 21.20
C GLY E 62 -15.90 32.94 22.26
N GLN E 63 -16.61 32.66 23.35
CA GLN E 63 -16.04 31.89 24.45
C GLN E 63 -15.55 30.52 23.98
N LYS E 64 -14.33 30.17 24.37
CA LYS E 64 -13.71 28.90 23.99
C LYS E 64 -13.99 27.79 25.00
N HIS E 65 -13.99 26.56 24.50
CA HIS E 65 -14.21 25.36 25.32
C HIS E 65 -13.36 24.27 24.68
N ALA E 66 -12.14 24.10 25.15
CA ALA E 66 -11.26 23.10 24.57
C ALA E 66 -11.24 21.78 25.34
N PHE E 67 -11.05 20.68 24.61
CA PHE E 67 -10.97 19.36 25.22
C PHE E 67 -10.21 18.38 24.33
N GLY E 68 -9.76 17.28 24.92
CA GLY E 68 -9.04 16.29 24.17
C GLY E 68 -8.82 15.01 24.92
N GLY E 69 -8.24 14.02 24.25
CA GLY E 69 -7.99 12.74 24.89
C GLY E 69 -7.46 11.73 23.93
N ARG E 70 -7.69 10.46 24.23
CA ARG E 70 -7.21 9.38 23.38
C ARG E 70 -8.28 8.34 23.11
N TYR E 71 -8.16 7.67 21.98
CA TYR E 71 -9.11 6.62 21.65
C TYR E 71 -8.65 5.37 22.39
N LEU E 72 -9.59 4.71 23.04
CA LEU E 72 -9.31 3.49 23.79
C LEU E 72 -9.81 2.26 23.07
N GLU E 73 -10.83 2.46 22.24
CA GLU E 73 -11.43 1.37 21.46
C GLU E 73 -11.94 1.90 20.12
N LEU E 74 -11.71 1.11 19.07
CA LEU E 74 -12.18 1.47 17.73
C LEU E 74 -12.51 0.22 16.94
N VAL E 75 -13.77 -0.20 16.98
CA VAL E 75 -14.21 -1.36 16.22
C VAL E 75 -15.21 -0.86 15.18
N PRO E 76 -14.77 -0.72 13.92
CA PRO E 76 -15.58 -0.24 12.80
C PRO E 76 -17.03 -0.72 12.78
N GLY E 77 -17.95 0.24 12.76
CA GLY E 77 -19.37 -0.07 12.73
C GLY E 77 -19.92 -0.66 14.01
N GLU E 78 -19.14 -0.66 15.08
CA GLU E 78 -19.62 -1.27 16.31
C GLU E 78 -19.33 -0.55 17.63
N ARG E 79 -18.12 -0.06 17.78
CA ARG E 79 -17.76 0.56 19.05
C ARG E 79 -16.68 1.62 18.95
N ILE E 80 -16.84 2.65 19.77
CA ILE E 80 -15.89 3.74 19.83
C ILE E 80 -15.82 4.17 21.29
N ARG E 81 -14.62 4.28 21.80
CA ARG E 81 -14.43 4.71 23.18
C ARG E 81 -13.22 5.61 23.28
N TYR E 82 -13.37 6.73 23.99
CA TYR E 82 -12.27 7.67 24.16
C TYR E 82 -12.35 8.40 25.50
N THR E 83 -11.21 8.92 25.94
CA THR E 83 -11.16 9.66 27.19
C THR E 83 -11.32 11.13 26.87
N ASP E 84 -11.53 11.95 27.90
CA ASP E 84 -11.66 13.38 27.69
C ASP E 84 -11.18 14.16 28.91
N ARG E 85 -10.41 15.21 28.63
CA ARG E 85 -9.87 16.07 29.66
C ARG E 85 -9.88 17.52 29.19
N PHE E 86 -10.87 18.28 29.68
CA PHE E 86 -11.01 19.69 29.32
C PHE E 86 -9.70 20.42 29.67
N ASP E 87 -9.24 21.28 28.76
CA ASP E 87 -8.00 22.03 29.01
C ASP E 87 -8.17 22.95 30.22
N GLY E 93 -8.89 14.10 36.60
CA GLY E 93 -10.23 13.98 36.05
C GLY E 93 -10.25 13.40 34.66
N ASP E 94 -11.18 12.50 34.39
CA ASP E 94 -11.27 11.87 33.08
C ASP E 94 -12.70 11.45 32.73
N MSE E 95 -13.28 12.11 31.74
CA MSE E 95 -14.63 11.80 31.32
C MSE E 95 -14.55 10.71 30.23
O MSE E 95 -14.02 10.96 29.14
CB MSE E 95 -15.30 13.08 30.78
CG MSE E 95 -16.74 12.94 30.30
SE MSE E 95 -16.93 12.91 28.52
CE MSE E 95 -16.90 14.71 28.15
N ILE E 96 -15.06 9.52 30.53
CA ILE E 96 -15.03 8.41 29.58
C ILE E 96 -16.32 8.30 28.77
N THR E 97 -16.20 8.28 27.43
CA THR E 97 -17.39 8.16 26.60
C THR E 97 -17.29 6.94 25.69
N THR E 98 -18.31 6.09 25.70
CA THR E 98 -18.26 4.94 24.81
C THR E 98 -19.54 4.86 23.96
N ILE E 99 -19.33 4.76 22.66
CA ILE E 99 -20.42 4.69 21.71
C ILE E 99 -20.50 3.26 21.18
N THR E 100 -21.69 2.69 21.19
CA THR E 100 -21.86 1.34 20.66
C THR E 100 -22.94 1.37 19.60
N LEU E 101 -22.65 0.76 18.45
CA LEU E 101 -23.58 0.71 17.34
C LEU E 101 -23.96 -0.73 17.04
N ALA E 102 -25.16 -0.92 16.54
CA ALA E 102 -25.65 -2.26 16.21
C ALA E 102 -26.59 -2.20 14.99
N PRO E 103 -26.58 -3.25 14.17
CA PRO E 103 -27.42 -3.29 12.97
C PRO E 103 -28.92 -3.32 13.30
N LEU E 104 -29.71 -2.77 12.40
CA LEU E 104 -31.16 -2.76 12.55
C LEU E 104 -31.73 -2.74 11.13
N SER E 105 -32.95 -3.21 10.98
CA SER E 105 -33.58 -3.23 9.67
C SER E 105 -33.57 -1.84 9.06
N CYS E 106 -34.04 -0.87 9.83
CA CYS E 106 -34.12 0.53 9.38
C CYS E 106 -32.76 1.23 9.29
N GLY E 107 -31.73 0.64 9.87
CA GLY E 107 -30.42 1.27 9.82
C GLY E 107 -29.51 0.95 10.99
N ALA E 108 -29.64 1.68 12.09
CA ALA E 108 -28.77 1.40 13.23
C ALA E 108 -29.25 1.89 14.59
N ASP E 109 -28.82 1.15 15.61
CA ASP E 109 -29.15 1.49 16.97
C ASP E 109 -27.87 2.11 17.53
N LEU E 110 -28.01 3.27 18.16
CA LEU E 110 -26.87 3.98 18.73
C LEU E 110 -27.09 4.20 20.21
N SER E 111 -26.10 3.86 21.02
CA SER E 111 -26.22 4.08 22.45
C SER E 111 -24.92 4.70 22.93
N ILE E 112 -25.05 5.70 23.78
CA ILE E 112 -23.89 6.39 24.30
C ILE E 112 -23.91 6.42 25.80
N VAL E 113 -22.76 6.14 26.40
CA VAL E 113 -22.63 6.18 27.84
C VAL E 113 -21.39 7.03 28.11
N GLN E 114 -21.60 8.13 28.83
CA GLN E 114 -20.53 9.07 29.16
C GLN E 114 -20.38 9.11 30.69
N GLU E 115 -19.24 8.60 31.17
CA GLU E 115 -18.94 8.55 32.61
C GLU E 115 -17.92 9.56 33.08
N GLY E 116 -17.89 9.77 34.40
CA GLY E 116 -16.94 10.70 34.99
C GLY E 116 -17.13 12.17 34.68
N ILE E 117 -18.37 12.58 34.46
CA ILE E 117 -18.65 13.98 34.17
C ILE E 117 -18.54 14.71 35.51
N PRO E 118 -17.73 15.78 35.56
CA PRO E 118 -17.54 16.57 36.79
C PRO E 118 -18.87 17.14 37.28
N ASP E 119 -19.07 17.15 38.59
CA ASP E 119 -20.30 17.67 39.15
C ASP E 119 -20.48 19.16 38.87
N ALA E 120 -19.37 19.83 38.55
CA ALA E 120 -19.40 21.25 38.26
C ALA E 120 -20.25 21.52 37.02
N ILE E 121 -20.38 20.49 36.19
CA ILE E 121 -21.16 20.60 34.96
C ILE E 121 -22.52 19.93 35.19
N PRO E 122 -23.61 20.70 35.14
CA PRO E 122 -24.95 20.14 35.35
C PRO E 122 -25.25 19.05 34.32
N PRO E 123 -25.61 17.85 34.79
CA PRO E 123 -25.92 16.74 33.88
C PRO E 123 -26.98 17.15 32.85
N GLU E 124 -27.90 18.02 33.27
CA GLU E 124 -28.96 18.48 32.39
C GLU E 124 -28.42 19.22 31.16
N ASN E 125 -27.33 19.99 31.34
CA ASN E 125 -26.73 20.70 30.22
C ASN E 125 -26.08 19.70 29.28
N CYS E 126 -25.58 18.60 29.83
CA CYS E 126 -24.94 17.57 29.02
C CYS E 126 -25.97 16.88 28.13
N TYR E 127 -27.18 16.70 28.65
CA TYR E 127 -28.24 16.07 27.86
C TYR E 127 -28.72 17.02 26.76
N LEU E 128 -28.86 18.30 27.10
CA LEU E 128 -29.30 19.29 26.12
C LEU E 128 -28.28 19.36 24.97
N GLY E 129 -27.00 19.36 25.33
CA GLY E 129 -25.96 19.44 24.31
C GLY E 129 -26.00 18.24 23.38
N TRP E 130 -26.09 17.05 23.97
CA TRP E 130 -26.15 15.82 23.16
C TRP E 130 -27.39 15.77 22.28
N GLN E 131 -28.54 16.16 22.82
CA GLN E 131 -29.78 16.13 22.04
C GLN E 131 -29.66 16.96 20.76
N GLN E 132 -29.00 18.12 20.88
CA GLN E 132 -28.82 18.98 19.72
C GLN E 132 -27.84 18.32 18.76
N SER E 133 -26.72 17.85 19.30
CA SER E 133 -25.71 17.19 18.48
C SER E 133 -26.26 15.97 17.77
N LEU E 134 -27.04 15.16 18.49
CA LEU E 134 -27.61 13.93 17.91
C LEU E 134 -28.58 14.24 16.77
N LYS E 135 -29.27 15.36 16.88
CA LYS E 135 -30.21 15.78 15.84
C LYS E 135 -29.39 16.13 14.61
N GLN E 136 -28.27 16.82 14.84
CA GLN E 136 -27.38 17.22 13.76
C GLN E 136 -26.71 16.00 13.15
N LEU E 137 -26.41 15.00 13.97
CA LEU E 137 -25.78 13.79 13.44
C LEU E 137 -26.74 13.09 12.47
N ALA E 138 -27.99 12.94 12.91
CA ALA E 138 -29.00 12.27 12.11
C ALA E 138 -29.19 12.96 10.75
N ALA E 139 -29.19 14.29 10.77
CA ALA E 139 -29.36 15.08 9.55
C ALA E 139 -28.22 14.81 8.57
N LEU E 140 -27.02 14.60 9.11
CA LEU E 140 -25.84 14.34 8.28
C LEU E 140 -25.73 12.92 7.75
N VAL E 141 -26.06 11.93 8.58
CA VAL E 141 -25.90 10.54 8.21
C VAL E 141 -27.09 9.83 7.55
N GLU E 142 -28.31 10.26 7.86
CA GLU E 142 -29.46 9.60 7.29
C GLU E 142 -29.67 9.70 5.78
N PRO E 143 -29.27 10.83 5.17
CA PRO E 143 -29.45 10.95 3.72
C PRO E 143 -28.66 9.91 2.91
N ASP E 144 -29.19 9.55 1.74
CA ASP E 144 -28.59 8.58 0.81
C ASP E 144 -28.51 7.18 1.37
N PRO F 2 -44.60 -9.34 23.78
CA PRO F 2 -44.71 -7.87 23.87
C PRO F 2 -43.33 -7.24 24.08
N ASN F 3 -43.25 -5.93 23.90
CA ASN F 3 -41.98 -5.23 24.05
C ASN F 3 -42.14 -3.91 24.81
N THR F 4 -41.07 -3.50 25.48
CA THR F 4 -41.07 -2.26 26.23
C THR F 4 -39.92 -1.36 25.74
N ILE F 5 -40.23 -0.07 25.57
CA ILE F 5 -39.21 0.89 25.15
C ILE F 5 -39.13 2.02 26.16
N ARG F 6 -37.98 2.68 26.19
CA ARG F 6 -37.75 3.77 27.13
C ARG F 6 -37.11 4.95 26.42
N LEU F 7 -37.61 6.13 26.75
CA LEU F 7 -37.10 7.36 26.18
C LEU F 7 -36.89 8.35 27.31
N HIS F 8 -35.92 9.24 27.10
CA HIS F 8 -35.62 10.25 28.09
C HIS F 8 -35.13 11.50 27.39
N ARG F 9 -35.58 12.65 27.87
CA ARG F 9 -35.16 13.92 27.31
C ARG F 9 -35.30 15.05 28.27
N VAL F 10 -34.41 16.02 28.13
CA VAL F 10 -34.44 17.20 28.96
C VAL F 10 -35.08 18.27 28.08
N LEU F 11 -36.04 18.98 28.64
CA LEU F 11 -36.74 20.03 27.91
C LEU F 11 -36.57 21.38 28.58
N SER F 12 -36.41 22.41 27.76
CA SER F 12 -36.25 23.75 28.28
C SER F 12 -37.64 24.31 28.53
N ALA F 13 -38.39 23.61 29.37
CA ALA F 13 -39.75 24.02 29.72
C ALA F 13 -40.09 23.51 31.10
N PRO F 14 -40.95 24.24 31.83
CA PRO F 14 -41.34 23.83 33.17
C PRO F 14 -42.26 22.61 33.10
N PRO F 15 -42.09 21.67 34.04
CA PRO F 15 -42.88 20.43 34.12
C PRO F 15 -44.38 20.59 33.82
N GLU F 16 -45.00 21.60 34.41
CA GLU F 16 -46.44 21.81 34.22
C GLU F 16 -46.86 22.08 32.78
N ARG F 17 -46.02 22.80 32.04
CA ARG F 17 -46.34 23.08 30.66
C ARG F 17 -46.26 21.78 29.86
N VAL F 18 -45.21 21.01 30.10
CA VAL F 18 -45.01 19.73 29.41
C VAL F 18 -46.20 18.80 29.73
N TYR F 19 -46.61 18.80 31.00
CA TYR F 19 -47.73 17.99 31.49
C TYR F 19 -48.97 18.33 30.66
N ARG F 20 -49.24 19.63 30.58
CA ARG F 20 -50.37 20.16 29.84
C ARG F 20 -50.34 19.66 28.38
N ALA F 21 -49.16 19.72 27.76
CA ALA F 21 -49.02 19.29 26.36
C ALA F 21 -49.43 17.84 26.13
N PHE F 22 -49.31 16.99 27.15
CA PHE F 22 -49.68 15.59 27.01
C PHE F 22 -51.20 15.38 27.12
N LEU F 23 -51.91 16.39 27.61
CA LEU F 23 -53.36 16.27 27.79
C LEU F 23 -54.22 17.18 26.92
N ASP F 24 -53.70 18.35 26.54
CA ASP F 24 -54.46 19.30 25.73
C ASP F 24 -54.64 18.74 24.29
N PRO F 25 -55.89 18.51 23.89
CA PRO F 25 -56.18 17.97 22.55
C PRO F 25 -55.62 18.80 21.41
N LEU F 26 -55.56 20.11 21.56
CA LEU F 26 -55.03 20.96 20.51
C LEU F 26 -53.52 20.74 20.41
N ALA F 27 -52.86 20.58 21.55
CA ALA F 27 -51.42 20.34 21.55
C ALA F 27 -51.10 18.96 20.97
N LEU F 28 -51.85 17.95 21.41
CA LEU F 28 -51.65 16.58 20.94
C LEU F 28 -51.80 16.45 19.44
N ALA F 29 -52.81 17.12 18.88
CA ALA F 29 -53.05 17.06 17.45
C ALA F 29 -51.85 17.62 16.67
N LYS F 30 -51.07 18.47 17.33
CA LYS F 30 -49.91 19.05 16.67
C LYS F 30 -48.59 18.29 16.88
N TRP F 31 -48.29 17.89 18.12
CA TRP F 31 -47.02 17.20 18.36
C TRP F 31 -47.00 15.67 18.36
N LEU F 32 -48.11 15.02 18.72
CA LEU F 32 -48.15 13.57 18.79
C LEU F 32 -47.90 12.81 17.49
N PRO F 33 -48.70 13.07 16.44
CA PRO F 33 -48.44 12.35 15.19
C PRO F 33 -47.06 12.67 14.63
N PRO F 34 -46.27 11.62 14.31
CA PRO F 34 -44.92 11.80 13.77
C PRO F 34 -44.91 12.42 12.37
N GLU F 35 -43.71 12.58 11.81
CA GLU F 35 -43.55 13.21 10.50
C GLU F 35 -44.37 12.55 9.40
N GLY F 36 -45.06 13.39 8.61
CA GLY F 36 -45.88 12.88 7.53
C GLY F 36 -47.25 12.36 7.95
N PHE F 37 -47.58 12.50 9.23
CA PHE F 37 -48.87 12.06 9.75
C PHE F 37 -49.64 13.22 10.37
N VAL F 38 -50.97 13.14 10.31
CA VAL F 38 -51.84 14.14 10.92
C VAL F 38 -52.65 13.38 11.98
N CYS F 39 -53.23 14.11 12.92
CA CYS F 39 -53.99 13.50 13.98
C CYS F 39 -55.34 14.16 14.24
N LYS F 40 -56.35 13.34 14.50
CA LYS F 40 -57.68 13.84 14.82
C LYS F 40 -58.02 13.31 16.20
N VAL F 41 -58.31 14.20 17.14
CA VAL F 41 -58.65 13.78 18.49
C VAL F 41 -60.16 13.56 18.57
N LEU F 42 -60.57 12.31 18.80
CA LEU F 42 -61.98 11.94 18.89
C LEU F 42 -62.58 12.05 20.30
N GLU F 43 -61.77 11.79 21.32
CA GLU F 43 -62.24 11.86 22.70
C GLU F 43 -61.06 12.24 23.58
N HIS F 44 -61.30 13.08 24.59
CA HIS F 44 -60.20 13.51 25.45
C HIS F 44 -60.61 13.85 26.87
N ASP F 45 -61.12 12.86 27.60
CA ASP F 45 -61.53 13.05 28.98
C ASP F 45 -60.31 12.89 29.88
N ALA F 46 -59.64 14.01 30.17
CA ALA F 46 -58.44 13.98 30.99
C ALA F 46 -58.68 13.82 32.49
N ARG F 47 -59.27 12.69 32.88
CA ARG F 47 -59.54 12.39 34.28
C ARG F 47 -59.08 10.96 34.52
N VAL F 48 -58.67 10.66 35.74
CA VAL F 48 -58.26 9.30 36.03
C VAL F 48 -59.47 8.42 35.75
N GLY F 49 -59.29 7.42 34.89
CA GLY F 49 -60.38 6.54 34.54
C GLY F 49 -61.07 6.96 33.26
N GLY F 50 -60.80 8.19 32.81
CA GLY F 50 -61.42 8.69 31.59
C GLY F 50 -60.78 8.17 30.30
N ALA F 51 -61.55 8.18 29.22
CA ALA F 51 -61.04 7.70 27.95
C ALA F 51 -60.58 8.81 27.00
N TYR F 52 -59.68 8.45 26.11
CA TYR F 52 -59.17 9.36 25.10
C TYR F 52 -59.17 8.51 23.85
N LYS F 53 -59.33 9.12 22.69
CA LYS F 53 -59.35 8.35 21.46
C LYS F 53 -58.86 9.25 20.34
N MSE F 54 -57.99 8.72 19.50
CA MSE F 54 -57.44 9.50 18.39
C MSE F 54 -57.17 8.59 17.21
O MSE F 54 -57.19 7.36 17.33
CB MSE F 54 -56.11 10.15 18.81
CG MSE F 54 -56.16 11.07 20.04
SE MSE F 54 -54.48 11.66 20.47
CE MSE F 54 -54.09 10.52 21.85
N GLU F 55 -56.91 9.22 16.08
CA GLU F 55 -56.58 8.48 14.87
C GLU F 55 -55.46 9.21 14.13
N PHE F 56 -54.49 8.45 13.66
CA PHE F 56 -53.38 9.00 12.90
C PHE F 56 -53.65 8.64 11.45
N LEU F 57 -53.41 9.59 10.55
CA LEU F 57 -53.57 9.36 9.13
C LEU F 57 -52.28 9.73 8.43
N ALA F 58 -51.75 8.83 7.63
CA ALA F 58 -50.53 9.12 6.88
C ALA F 58 -51.05 10.11 5.84
N PHE F 59 -50.50 11.32 5.84
CA PHE F 59 -50.98 12.34 4.91
C PHE F 59 -50.94 11.95 3.44
N ALA F 60 -49.83 11.40 2.98
CA ALA F 60 -49.69 11.04 1.58
C ALA F 60 -50.65 9.98 1.04
N SER F 61 -50.87 8.92 1.80
CA SER F 61 -51.74 7.83 1.34
C SER F 61 -53.15 7.84 1.90
N GLY F 62 -53.34 8.46 3.06
CA GLY F 62 -54.66 8.48 3.67
C GLY F 62 -54.86 7.33 4.65
N GLN F 63 -53.87 6.45 4.73
CA GLN F 63 -53.92 5.30 5.64
C GLN F 63 -54.25 5.74 7.06
N LYS F 64 -55.33 5.19 7.63
CA LYS F 64 -55.74 5.55 8.98
C LYS F 64 -55.45 4.49 10.04
N HIS F 65 -55.19 4.95 11.26
CA HIS F 65 -54.92 4.08 12.39
C HIS F 65 -55.58 4.69 13.60
N ALA F 66 -56.50 3.94 14.22
CA ALA F 66 -57.19 4.43 15.40
C ALA F 66 -56.71 3.75 16.66
N PHE F 67 -56.63 4.52 17.75
CA PHE F 67 -56.20 3.97 19.01
C PHE F 67 -56.81 4.78 20.14
N GLY F 68 -56.73 4.26 21.36
CA GLY F 68 -57.28 4.96 22.49
C GLY F 68 -57.06 4.16 23.74
N GLY F 69 -57.50 4.69 24.87
CA GLY F 69 -57.32 3.98 26.12
C GLY F 69 -57.86 4.82 27.25
N ARG F 70 -57.42 4.53 28.47
CA ARG F 70 -57.87 5.28 29.62
C ARG F 70 -56.72 5.68 30.52
N TYR F 71 -56.86 6.82 31.17
CA TYR F 71 -55.84 7.33 32.07
C TYR F 71 -55.95 6.60 33.41
N LEU F 72 -54.80 6.20 33.93
CA LEU F 72 -54.74 5.48 35.20
C LEU F 72 -54.21 6.42 36.30
N GLU F 73 -53.29 7.31 35.91
CA GLU F 73 -52.70 8.25 36.86
C GLU F 73 -52.58 9.65 36.25
N LEU F 74 -52.85 10.67 37.05
CA LEU F 74 -52.76 12.04 36.61
C LEU F 74 -52.30 12.96 37.76
N VAL F 75 -50.99 13.07 37.93
CA VAL F 75 -50.42 13.91 38.98
C VAL F 75 -49.88 15.17 38.30
N PRO F 76 -50.60 16.29 38.42
CA PRO F 76 -50.22 17.56 37.81
C PRO F 76 -48.73 17.88 37.80
N GLY F 77 -48.15 17.91 36.60
CA GLY F 77 -46.75 18.21 36.43
C GLY F 77 -45.76 17.17 36.89
N GLU F 78 -46.22 15.93 37.10
CA GLU F 78 -45.31 14.88 37.56
C GLU F 78 -45.46 13.52 36.92
N ARG F 79 -46.69 13.08 36.72
CA ARG F 79 -46.93 11.75 36.18
C ARG F 79 -48.23 11.61 35.41
N ILE F 80 -48.16 10.84 34.33
CA ILE F 80 -49.30 10.55 33.49
C ILE F 80 -49.14 9.11 33.08
N ARG F 81 -50.17 8.31 33.31
CA ARG F 81 -50.13 6.90 32.92
C ARG F 81 -51.43 6.59 32.24
N TYR F 82 -51.36 5.88 31.12
CA TYR F 82 -52.58 5.55 30.41
C TYR F 82 -52.38 4.30 29.58
N THR F 83 -53.49 3.66 29.24
CA THR F 83 -53.46 2.46 28.44
C THR F 83 -53.55 2.90 26.99
N ASP F 84 -53.14 2.02 26.09
CA ASP F 84 -53.18 2.34 24.67
C ASP F 84 -53.48 1.05 23.92
N ARG F 85 -54.38 1.11 22.96
CA ARG F 85 -54.73 -0.06 22.17
C ARG F 85 -55.26 0.30 20.80
N PHE F 86 -54.66 -0.31 19.77
CA PHE F 86 -55.07 -0.11 18.37
C PHE F 86 -56.25 -1.02 18.16
N ASP F 87 -56.68 -1.03 16.90
CA ASP F 87 -57.76 -1.91 16.52
C ASP F 87 -57.83 -2.65 15.21
N ASP F 88 -56.68 -2.75 14.54
CA ASP F 88 -56.61 -3.51 13.30
C ASP F 88 -55.79 -4.78 12.86
N ALA F 89 -54.60 -4.47 12.34
CA ALA F 89 -53.63 -5.41 11.73
C ALA F 89 -52.30 -4.87 11.99
N GLY F 90 -51.86 -5.52 13.00
CA GLY F 90 -50.58 -5.17 13.56
C GLY F 90 -51.18 -4.98 14.91
N LEU F 91 -51.51 -6.04 15.60
CA LEU F 91 -52.36 -5.92 16.71
C LEU F 91 -52.42 -5.91 18.28
N PRO F 92 -52.65 -7.10 18.88
CA PRO F 92 -52.80 -7.44 20.28
C PRO F 92 -52.57 -6.61 21.51
N GLY F 93 -53.72 -6.42 22.17
CA GLY F 93 -53.84 -5.75 23.43
C GLY F 93 -53.22 -4.47 23.90
N ASP F 94 -53.62 -4.16 25.11
CA ASP F 94 -53.20 -2.96 25.78
C ASP F 94 -51.72 -2.76 26.05
N MSE F 95 -51.29 -1.53 25.83
CA MSE F 95 -49.92 -1.14 26.06
C MSE F 95 -50.13 -0.14 27.18
O MSE F 95 -51.19 0.47 27.25
CB MSE F 95 -49.34 -0.37 24.87
CG MSE F 95 -49.25 -1.10 23.52
SE MSE F 95 -48.58 0.03 22.26
CE MSE F 95 -50.08 0.96 21.89
N ILE F 96 -49.17 0.01 28.07
CA ILE F 96 -49.31 0.97 29.14
C ILE F 96 -48.12 1.89 28.99
N THR F 97 -48.39 3.19 28.88
CA THR F 97 -47.29 4.13 28.74
C THR F 97 -47.28 5.00 29.98
N THR F 98 -46.10 5.17 30.55
CA THR F 98 -45.94 5.97 31.76
C THR F 98 -45.05 7.19 31.50
N ILE F 99 -45.57 8.36 31.83
CA ILE F 99 -44.83 9.60 31.64
C ILE F 99 -44.47 10.19 32.99
N THR F 100 -43.18 10.48 33.19
CA THR F 100 -42.73 11.04 34.46
C THR F 100 -41.97 12.35 34.26
N LEU F 101 -42.38 13.36 35.00
CA LEU F 101 -41.74 14.67 34.90
C LEU F 101 -41.16 15.09 36.22
N ALA F 102 -39.97 15.70 36.17
CA ALA F 102 -39.29 16.20 37.36
C ALA F 102 -38.73 17.57 37.01
N PRO F 103 -38.68 18.49 37.98
CA PRO F 103 -38.15 19.83 37.70
C PRO F 103 -36.62 19.89 37.59
N LEU F 104 -36.15 20.84 36.78
CA LEU F 104 -34.73 21.07 36.57
C LEU F 104 -34.61 22.59 36.47
N SER F 105 -33.46 23.13 36.85
CA SER F 105 -33.30 24.58 36.78
C SER F 105 -33.49 25.05 35.33
N CYS F 106 -33.14 24.20 34.37
CA CYS F 106 -33.29 24.55 32.96
C CYS F 106 -34.71 24.30 32.47
N GLY F 107 -35.48 23.52 33.22
CA GLY F 107 -36.84 23.25 32.82
C GLY F 107 -37.43 21.96 33.39
N ALA F 108 -37.36 20.88 32.59
CA ALA F 108 -37.92 19.61 33.03
C ALA F 108 -37.23 18.39 32.48
N ASP F 109 -37.24 17.32 33.28
CA ASP F 109 -36.66 16.06 32.87
C ASP F 109 -37.87 15.20 32.50
N LEU F 110 -37.85 14.62 31.31
CA LEU F 110 -38.95 13.80 30.83
C LEU F 110 -38.51 12.37 30.59
N SER F 111 -39.25 11.44 31.17
CA SER F 111 -38.97 10.01 30.99
C SER F 111 -40.25 9.35 30.53
N ILE F 112 -40.12 8.45 29.56
CA ILE F 112 -41.27 7.76 29.06
C ILE F 112 -40.98 6.27 29.00
N VAL F 113 -41.94 5.49 29.48
CA VAL F 113 -41.82 4.04 29.44
C VAL F 113 -43.09 3.54 28.76
N GLN F 114 -42.92 2.78 27.68
CA GLN F 114 -44.05 2.23 26.95
C GLN F 114 -43.90 0.72 26.91
N GLU F 115 -44.73 0.04 27.70
CA GLU F 115 -44.70 -1.43 27.78
C GLU F 115 -45.89 -2.13 27.15
N GLY F 116 -45.66 -3.35 26.70
CA GLY F 116 -46.73 -4.14 26.09
C GLY F 116 -46.92 -3.95 24.61
N ILE F 117 -45.95 -3.34 23.93
CA ILE F 117 -46.05 -3.13 22.48
C ILE F 117 -46.12 -4.49 21.77
N PRO F 118 -47.14 -4.71 20.95
CA PRO F 118 -47.25 -5.99 20.23
C PRO F 118 -46.03 -6.30 19.38
N ASP F 119 -45.60 -7.55 19.42
CA ASP F 119 -44.43 -8.01 18.67
C ASP F 119 -44.55 -7.74 17.17
N ALA F 120 -45.77 -7.47 16.70
CA ALA F 120 -45.98 -7.20 15.29
C ALA F 120 -45.33 -5.87 14.89
N ILE F 121 -45.23 -4.96 15.84
CA ILE F 121 -44.64 -3.64 15.59
C ILE F 121 -43.14 -3.66 15.87
N PRO F 122 -42.30 -3.46 14.83
CA PRO F 122 -40.86 -3.46 15.05
C PRO F 122 -40.53 -2.37 16.07
N PRO F 123 -39.83 -2.73 17.15
CA PRO F 123 -39.48 -1.76 18.19
C PRO F 123 -38.76 -0.53 17.65
N GLU F 124 -37.91 -0.73 16.65
CA GLU F 124 -37.15 0.37 16.09
C GLU F 124 -38.06 1.46 15.51
N ASN F 125 -39.22 1.06 15.00
CA ASN F 125 -40.17 2.02 14.43
C ASN F 125 -40.83 2.81 15.55
N CYS F 126 -40.91 2.22 16.73
CA CYS F 126 -41.51 2.89 17.88
C CYS F 126 -40.55 4.00 18.34
N TYR F 127 -39.25 3.71 18.30
CA TYR F 127 -38.25 4.69 18.70
C TYR F 127 -38.20 5.80 17.66
N LEU F 128 -38.24 5.43 16.39
CA LEU F 128 -38.23 6.42 15.31
C LEU F 128 -39.45 7.32 15.39
N GLY F 129 -40.60 6.73 15.70
CA GLY F 129 -41.82 7.49 15.83
C GLY F 129 -41.76 8.46 16.99
N TRP F 130 -41.36 7.97 18.16
CA TRP F 130 -41.25 8.79 19.34
C TRP F 130 -40.17 9.87 19.24
N GLN F 131 -39.08 9.58 18.54
CA GLN F 131 -38.01 10.57 18.38
C GLN F 131 -38.57 11.76 17.61
N GLN F 132 -39.38 11.48 16.60
CA GLN F 132 -39.98 12.51 15.79
C GLN F 132 -41.03 13.31 16.56
N SER F 133 -41.87 12.64 17.33
CA SER F 133 -42.89 13.32 18.12
C SER F 133 -42.28 14.13 19.25
N LEU F 134 -41.18 13.64 19.83
CA LEU F 134 -40.55 14.35 20.93
C LEU F 134 -39.90 15.63 20.43
N LYS F 135 -39.41 15.60 19.20
CA LYS F 135 -38.80 16.77 18.59
C LYS F 135 -39.91 17.82 18.41
N GLN F 136 -41.10 17.38 18.00
CA GLN F 136 -42.22 18.29 17.79
C GLN F 136 -42.72 18.82 19.15
N LEU F 137 -42.68 17.98 20.17
CA LEU F 137 -43.13 18.39 21.50
C LEU F 137 -42.27 19.55 22.01
N ALA F 138 -40.95 19.40 21.88
CA ALA F 138 -40.01 20.42 22.32
C ALA F 138 -40.26 21.76 21.62
N ALA F 139 -40.50 21.72 20.31
CA ALA F 139 -40.74 22.94 19.55
C ALA F 139 -42.00 23.65 20.05
N LEU F 140 -42.96 22.88 20.52
CA LEU F 140 -44.21 23.45 21.02
C LEU F 140 -44.10 24.03 22.42
N VAL F 141 -43.48 23.27 23.32
CA VAL F 141 -43.40 23.66 24.73
C VAL F 141 -42.24 24.55 25.16
N GLU F 142 -41.11 24.48 24.48
CA GLU F 142 -39.98 25.30 24.91
C GLU F 142 -40.15 26.82 24.81
N PRO F 143 -40.81 27.32 23.75
CA PRO F 143 -41.00 28.78 23.62
C PRO F 143 -41.69 29.47 24.81
N ASP F 144 -41.33 30.74 25.01
CA ASP F 144 -41.87 31.57 26.09
C ASP F 144 -41.53 31.10 27.49
#